data_8X70
#
_entry.id   8X70
#
_cell.length_a   40.400
_cell.length_b   87.418
_cell.length_c   111.214
_cell.angle_alpha   90.000
_cell.angle_beta   99.274
_cell.angle_gamma   90.000
#
_symmetry.space_group_name_H-M   'P 1 21 1'
#
loop_
_entity.id
_entity.type
_entity.pdbx_description
1 polymer 'Gamma-interferon-inducible protein 16'
2 non-polymer 'BROMIDE ION'
3 non-polymer 1,2-ETHANEDIOL
4 non-polymer 'POTASSIUM ION'
5 non-polymer 'TRIETHYLENE GLYCOL'
6 water water
#
_entity_poly.entity_id   1
_entity_poly.type   'polypeptide(L)'
_entity_poly.pdbx_seq_one_letter_code
;GGQVTPRRNVLQKRPVIVKVLSTTKPFEYETPEMEKKIMFHATVATQTQFFHVKVLNTSLKEKFNGKKIIIISDYLEYDS
LLEVNEESTVSEAGPNQTFEVPNKIINRAKETLKIDILHKQASGNIVYGVFMLHKKTVNQKTTIYEIQDDRGKMDVVGTG
QCHNIPCEEGDKLQLFCFRLRKKNQMSKLISEMHSFIQIKKKTN
;
_entity_poly.pdbx_strand_id   A,B,C,D
#
loop_
_chem_comp.id
_chem_comp.type
_chem_comp.name
_chem_comp.formula
BR non-polymer 'BROMIDE ION' 'Br -1'
EDO non-polymer 1,2-ETHANEDIOL 'C2 H6 O2'
K non-polymer 'POTASSIUM ION' 'K 1'
PGE non-polymer 'TRIETHYLENE GLYCOL' 'C6 H14 O4'
#
# COMPACT_ATOMS: atom_id res chain seq x y z
N ARG A 7 7.79 -11.57 -13.57
CA ARG A 7 7.69 -13.06 -13.65
C ARG A 7 6.35 -13.45 -14.31
N ARG A 8 6.22 -13.22 -15.61
CA ARG A 8 4.95 -13.31 -16.38
C ARG A 8 4.25 -14.65 -16.11
N ASN A 9 5.00 -15.77 -16.18
CA ASN A 9 4.44 -17.15 -16.21
C ASN A 9 4.63 -17.85 -14.86
N VAL A 10 5.15 -17.16 -13.84
CA VAL A 10 5.41 -17.74 -12.49
C VAL A 10 4.15 -17.55 -11.64
N LEU A 11 3.61 -18.65 -11.10
CA LEU A 11 2.48 -18.60 -10.16
C LEU A 11 2.90 -17.78 -8.94
N GLN A 12 2.10 -16.79 -8.58
CA GLN A 12 2.34 -15.93 -7.39
C GLN A 12 1.82 -16.66 -6.16
N LYS A 13 2.71 -17.00 -5.22
CA LYS A 13 2.36 -17.67 -3.94
C LYS A 13 1.73 -16.67 -2.96
N ARG A 14 2.19 -15.41 -2.97
CA ARG A 14 1.76 -14.38 -2.02
C ARG A 14 0.24 -14.29 -2.11
N PRO A 15 -0.50 -14.73 -1.07
CA PRO A 15 -1.96 -14.68 -1.11
C PRO A 15 -2.44 -13.23 -1.24
N VAL A 16 -3.52 -13.04 -2.00
CA VAL A 16 -4.23 -11.74 -2.00
C VAL A 16 -5.64 -12.01 -1.47
N ILE A 17 -6.06 -11.18 -0.52
CA ILE A 17 -7.32 -11.35 0.25
C ILE A 17 -8.26 -10.23 -0.17
N VAL A 18 -9.39 -10.57 -0.80
CA VAL A 18 -10.20 -9.58 -1.57
C VAL A 18 -11.71 -9.76 -1.32
N LYS A 19 -12.43 -8.65 -1.40
CA LYS A 19 -13.90 -8.60 -1.57
C LYS A 19 -14.17 -8.67 -3.07
N VAL A 20 -15.10 -9.51 -3.51
CA VAL A 20 -15.52 -9.56 -4.94
C VAL A 20 -16.58 -8.47 -5.14
N LEU A 21 -16.28 -7.46 -5.97
CA LEU A 21 -17.17 -6.30 -6.24
C LEU A 21 -18.16 -6.67 -7.34
N SER A 22 -17.73 -7.44 -8.33
CA SER A 22 -18.58 -7.82 -9.48
C SER A 22 -17.99 -9.02 -10.22
N THR A 23 -18.86 -9.73 -10.93
CA THR A 23 -18.53 -10.81 -11.88
C THR A 23 -19.36 -10.63 -13.13
N THR A 24 -18.85 -11.13 -14.25
CA THR A 24 -19.65 -11.32 -15.49
C THR A 24 -20.30 -12.70 -15.44
N LYS A 25 -21.31 -12.88 -16.30
CA LYS A 25 -21.76 -14.23 -16.73
C LYS A 25 -20.55 -14.96 -17.29
N PRO A 26 -20.59 -16.31 -17.30
CA PRO A 26 -19.61 -17.10 -18.03
C PRO A 26 -19.73 -16.76 -19.51
N PHE A 27 -18.65 -16.87 -20.24
CA PHE A 27 -18.70 -16.75 -21.70
C PHE A 27 -17.62 -17.62 -22.32
N GLU A 28 -17.87 -17.92 -23.58
CA GLU A 28 -16.96 -18.68 -24.44
C GLU A 28 -15.97 -17.69 -25.02
N TYR A 29 -14.70 -18.09 -25.06
CA TYR A 29 -13.62 -17.31 -25.69
C TYR A 29 -12.86 -18.26 -26.59
N GLU A 30 -12.26 -17.68 -27.64
CA GLU A 30 -11.50 -18.41 -28.68
C GLU A 30 -10.02 -18.28 -28.31
N THR A 31 -9.30 -19.40 -28.21
CA THR A 31 -7.82 -19.41 -28.02
C THR A 31 -7.18 -18.92 -29.31
N PRO A 32 -5.89 -18.53 -29.30
CA PRO A 32 -5.18 -18.24 -30.55
C PRO A 32 -5.35 -19.32 -31.62
N GLU A 33 -5.39 -20.59 -31.22
CA GLU A 33 -5.53 -21.77 -32.13
C GLU A 33 -6.99 -21.99 -32.54
N MET A 34 -7.92 -21.14 -32.08
CA MET A 34 -9.36 -21.15 -32.47
C MET A 34 -10.14 -22.23 -31.70
N GLU A 35 -9.62 -22.72 -30.58
CA GLU A 35 -10.35 -23.66 -29.68
C GLU A 35 -11.28 -22.81 -28.80
N LYS A 36 -12.37 -23.38 -28.32
CA LYS A 36 -13.37 -22.70 -27.45
C LYS A 36 -13.12 -23.13 -25.99
N LYS A 37 -12.94 -22.14 -25.11
CA LYS A 37 -12.81 -22.34 -23.64
C LYS A 37 -13.86 -21.48 -22.95
N ILE A 38 -13.95 -21.61 -21.62
CA ILE A 38 -14.99 -20.90 -20.82
C ILE A 38 -14.27 -20.12 -19.72
N MET A 39 -14.73 -18.91 -19.45
CA MET A 39 -14.19 -18.09 -18.34
C MET A 39 -15.28 -17.13 -17.85
N PHE A 40 -14.98 -16.38 -16.81
CA PHE A 40 -15.71 -15.14 -16.48
C PHE A 40 -14.70 -14.13 -15.96
N HIS A 41 -15.13 -12.86 -15.97
CA HIS A 41 -14.35 -11.73 -15.43
C HIS A 41 -14.86 -11.44 -14.04
N ALA A 42 -13.98 -10.90 -13.21
CA ALA A 42 -14.32 -10.45 -11.85
C ALA A 42 -13.57 -9.15 -11.60
N THR A 43 -14.13 -8.34 -10.72
CA THR A 43 -13.44 -7.16 -10.17
C THR A 43 -13.40 -7.36 -8.67
N VAL A 44 -12.23 -7.22 -8.07
CA VAL A 44 -12.04 -7.50 -6.62
C VAL A 44 -11.30 -6.32 -6.01
N ALA A 45 -11.35 -6.18 -4.69
CA ALA A 45 -10.70 -5.06 -3.98
C ALA A 45 -10.16 -5.51 -2.63
N THR A 46 -8.99 -4.99 -2.30
CA THR A 46 -8.43 -4.97 -0.93
C THR A 46 -8.89 -3.66 -0.29
N GLN A 47 -8.41 -3.36 0.91
CA GLN A 47 -8.72 -2.07 1.55
C GLN A 47 -8.02 -0.89 0.85
N THR A 48 -7.02 -1.14 -0.02
CA THR A 48 -6.20 -0.06 -0.62
C THR A 48 -6.12 -0.13 -2.14
N GLN A 49 -6.58 -1.20 -2.78
CA GLN A 49 -6.55 -1.26 -4.26
C GLN A 49 -7.63 -2.18 -4.79
N PHE A 50 -7.90 -2.05 -6.09
CA PHE A 50 -8.79 -2.95 -6.84
C PHE A 50 -7.98 -3.60 -7.95
N PHE A 51 -8.45 -4.77 -8.37
CA PHE A 51 -7.84 -5.57 -9.45
C PHE A 51 -8.96 -6.13 -10.32
N HIS A 52 -8.75 -6.08 -11.63
CA HIS A 52 -9.54 -6.91 -12.57
C HIS A 52 -8.94 -8.31 -12.50
N VAL A 53 -9.79 -9.31 -12.62
CA VAL A 53 -9.37 -10.72 -12.46
C VAL A 53 -9.97 -11.50 -13.63
N LYS A 54 -9.13 -12.19 -14.37
CA LYS A 54 -9.60 -13.19 -15.34
C LYS A 54 -9.75 -14.50 -14.57
N VAL A 55 -10.93 -15.10 -14.60
CA VAL A 55 -11.17 -16.41 -13.92
C VAL A 55 -11.37 -17.45 -15.02
N LEU A 56 -10.30 -18.15 -15.37
CA LEU A 56 -10.31 -19.12 -16.48
C LEU A 56 -10.84 -20.46 -15.97
N ASN A 57 -10.97 -20.63 -14.65
CA ASN A 57 -11.49 -21.86 -14.00
C ASN A 57 -12.91 -21.60 -13.51
N THR A 58 -13.91 -21.87 -14.35
CA THR A 58 -15.34 -21.49 -14.12
C THR A 58 -15.92 -22.35 -12.99
N SER A 59 -15.24 -23.42 -12.58
CA SER A 59 -15.67 -24.21 -11.39
C SER A 59 -15.64 -23.32 -10.14
N LEU A 60 -14.97 -22.17 -10.18
CA LEU A 60 -14.82 -21.24 -9.01
C LEU A 60 -15.97 -20.23 -8.92
N LYS A 61 -16.98 -20.28 -9.81
CA LYS A 61 -18.00 -19.19 -9.94
C LYS A 61 -18.63 -18.90 -8.57
N GLU A 62 -19.03 -19.95 -7.84
CA GLU A 62 -19.69 -19.78 -6.52
C GLU A 62 -18.74 -19.13 -5.50
N LYS A 63 -17.43 -19.40 -5.53
CA LYS A 63 -16.46 -18.74 -4.62
C LYS A 63 -16.41 -17.23 -4.90
N PHE A 64 -16.73 -16.81 -6.13
CA PHE A 64 -16.73 -15.37 -6.54
C PHE A 64 -18.14 -14.75 -6.48
N ASN A 65 -19.07 -15.31 -5.71
CA ASN A 65 -20.48 -14.80 -5.69
C ASN A 65 -20.60 -13.50 -4.86
N GLY A 66 -19.52 -13.03 -4.21
CA GLY A 66 -19.45 -11.72 -3.54
C GLY A 66 -20.11 -11.71 -2.17
N LYS A 67 -20.51 -12.88 -1.65
CA LYS A 67 -21.14 -13.00 -0.31
C LYS A 67 -20.05 -13.11 0.76
N LYS A 68 -18.78 -13.24 0.35
CA LYS A 68 -17.65 -13.63 1.23
C LYS A 68 -16.33 -13.04 0.70
N ILE A 69 -15.48 -12.60 1.62
CA ILE A 69 -14.04 -12.27 1.39
C ILE A 69 -13.32 -13.58 1.05
N ILE A 70 -12.48 -13.57 0.03
CA ILE A 70 -11.80 -14.79 -0.48
C ILE A 70 -10.31 -14.56 -0.53
N ILE A 71 -9.57 -15.67 -0.40
CA ILE A 71 -8.09 -15.69 -0.51
C ILE A 71 -7.76 -16.35 -1.84
N ILE A 72 -6.96 -15.68 -2.66
CA ILE A 72 -6.48 -16.18 -3.97
C ILE A 72 -4.97 -16.37 -3.88
N SER A 73 -4.49 -17.54 -4.27
CA SER A 73 -3.05 -17.84 -4.41
C SER A 73 -2.82 -18.62 -5.70
N ASP A 74 -1.57 -18.73 -6.12
CA ASP A 74 -1.13 -19.41 -7.37
C ASP A 74 -1.88 -18.79 -8.55
N TYR A 75 -1.84 -17.46 -8.62
CA TYR A 75 -2.40 -16.65 -9.73
C TYR A 75 -1.24 -16.07 -10.53
N LEU A 76 -1.50 -15.62 -11.75
CA LEU A 76 -0.49 -14.93 -12.58
C LEU A 76 -0.75 -13.44 -12.47
N GLU A 77 0.31 -12.66 -12.60
CA GLU A 77 0.31 -11.17 -12.53
C GLU A 77 0.91 -10.63 -13.83
N TYR A 78 0.12 -9.90 -14.61
CA TYR A 78 0.54 -9.25 -15.87
C TYR A 78 -0.60 -8.31 -16.30
N ASP A 79 -0.30 -7.33 -17.16
CA ASP A 79 -1.32 -6.41 -17.73
C ASP A 79 -2.05 -5.69 -16.57
N SER A 80 -1.39 -5.50 -15.42
CA SER A 80 -1.93 -4.88 -14.18
C SER A 80 -3.12 -5.66 -13.60
N LEU A 81 -3.35 -6.90 -14.03
CA LEU A 81 -4.52 -7.70 -13.60
C LEU A 81 -4.04 -9.03 -13.00
N LEU A 82 -4.97 -9.81 -12.46
CA LEU A 82 -4.70 -11.15 -11.91
C LEU A 82 -5.37 -12.17 -12.82
N GLU A 83 -4.69 -13.27 -13.11
CA GLU A 83 -5.28 -14.41 -13.82
C GLU A 83 -5.40 -15.57 -12.83
N VAL A 84 -6.65 -16.01 -12.59
CA VAL A 84 -6.96 -17.20 -11.76
C VAL A 84 -7.25 -18.34 -12.72
N ASN A 85 -6.48 -19.43 -12.68
CA ASN A 85 -6.62 -20.50 -13.70
C ASN A 85 -6.73 -21.83 -12.98
N GLU A 86 -6.60 -22.94 -13.71
CA GLU A 86 -6.80 -24.31 -13.18
CA GLU A 86 -6.81 -24.31 -13.18
C GLU A 86 -5.75 -24.60 -12.10
N GLU A 87 -4.63 -23.88 -12.10
CA GLU A 87 -3.52 -24.08 -11.12
C GLU A 87 -3.72 -23.23 -9.86
N SER A 88 -4.74 -22.36 -9.83
CA SER A 88 -4.95 -21.41 -8.72
C SER A 88 -5.70 -22.09 -7.58
N THR A 89 -5.65 -21.49 -6.41
CA THR A 89 -6.50 -21.87 -5.25
C THR A 89 -7.29 -20.64 -4.82
N VAL A 90 -8.58 -20.82 -4.60
CA VAL A 90 -9.45 -19.76 -4.02
C VAL A 90 -10.26 -20.38 -2.89
N SER A 91 -10.29 -19.71 -1.74
CA SER A 91 -11.05 -20.22 -0.58
C SER A 91 -11.55 -19.03 0.22
N GLU A 92 -12.64 -19.25 0.96
CA GLU A 92 -13.24 -18.24 1.85
C GLU A 92 -12.22 -17.88 2.93
N ALA A 93 -12.08 -16.58 3.21
CA ALA A 93 -11.24 -16.04 4.29
C ALA A 93 -11.79 -16.49 5.65
N GLY A 94 -10.91 -16.66 6.64
CA GLY A 94 -11.26 -17.14 7.99
C GLY A 94 -12.02 -16.07 8.78
N PRO A 95 -12.60 -16.44 9.94
CA PRO A 95 -13.37 -15.50 10.77
C PRO A 95 -12.63 -14.20 11.13
N ASN A 96 -11.29 -14.24 11.20
CA ASN A 96 -10.43 -13.11 11.64
C ASN A 96 -9.89 -12.33 10.43
N GLN A 97 -10.12 -12.78 9.19
CA GLN A 97 -9.44 -12.25 7.98
C GLN A 97 -10.37 -11.33 7.19
N THR A 98 -11.62 -11.15 7.64
CA THR A 98 -12.66 -10.37 6.93
C THR A 98 -12.42 -8.87 7.17
N PHE A 99 -12.86 -8.06 6.21
CA PHE A 99 -12.76 -6.58 6.23
C PHE A 99 -13.83 -6.00 5.31
N GLU A 100 -14.10 -4.70 5.47
CA GLU A 100 -14.89 -3.86 4.54
C GLU A 100 -13.92 -3.04 3.68
N VAL A 101 -14.31 -2.79 2.44
CA VAL A 101 -13.53 -1.99 1.47
C VAL A 101 -14.01 -0.55 1.54
N PRO A 102 -13.11 0.44 1.76
CA PRO A 102 -13.49 1.85 1.72
C PRO A 102 -14.24 2.16 0.42
N ASN A 103 -15.38 2.84 0.52
CA ASN A 103 -16.21 3.21 -0.66
C ASN A 103 -15.40 3.93 -1.74
N LYS A 104 -14.37 4.71 -1.40
CA LYS A 104 -13.51 5.41 -2.39
C LYS A 104 -12.91 4.39 -3.36
N ILE A 105 -12.50 3.22 -2.86
CA ILE A 105 -11.89 2.14 -3.70
C ILE A 105 -12.97 1.53 -4.57
N ILE A 106 -14.14 1.21 -4.01
CA ILE A 106 -15.25 0.62 -4.78
C ILE A 106 -15.58 1.56 -5.95
N ASN A 107 -15.65 2.88 -5.69
CA ASN A 107 -16.02 3.88 -6.73
C ASN A 107 -14.91 3.99 -7.77
N ARG A 108 -13.65 4.03 -7.32
CA ARG A 108 -12.46 4.15 -8.22
C ARG A 108 -12.46 2.93 -9.17
N ALA A 109 -12.77 1.74 -8.65
CA ALA A 109 -12.73 0.46 -9.39
C ALA A 109 -13.65 0.55 -10.62
N LYS A 110 -14.76 1.28 -10.53
CA LYS A 110 -15.83 1.30 -11.57
C LYS A 110 -15.65 2.48 -12.54
N GLU A 111 -14.60 3.29 -12.40
CA GLU A 111 -14.39 4.49 -13.26
C GLU A 111 -13.98 4.08 -14.67
N THR A 112 -14.50 4.80 -15.66
CA THR A 112 -14.10 4.67 -17.09
C THR A 112 -13.32 5.92 -17.50
N LEU A 113 -12.18 5.76 -18.16
CA LEU A 113 -11.42 6.92 -18.71
C LEU A 113 -12.20 7.57 -19.86
N LYS A 114 -12.12 8.89 -19.94
CA LYS A 114 -12.63 9.66 -21.09
C LYS A 114 -11.83 9.31 -22.36
N ILE A 115 -12.49 9.31 -23.50
CA ILE A 115 -11.88 8.82 -24.78
C ILE A 115 -10.75 9.76 -25.22
N ASP A 116 -10.83 11.07 -24.97
CA ASP A 116 -9.69 11.98 -25.29
C ASP A 116 -8.44 11.55 -24.50
N ILE A 117 -8.61 11.07 -23.27
CA ILE A 117 -7.48 10.52 -22.46
C ILE A 117 -6.96 9.23 -23.13
N LEU A 118 -7.86 8.34 -23.55
CA LEU A 118 -7.44 7.09 -24.23
C LEU A 118 -6.69 7.40 -25.52
N HIS A 119 -7.06 8.46 -26.26
CA HIS A 119 -6.35 8.83 -27.52
C HIS A 119 -4.90 9.28 -27.26
N LYS A 120 -4.61 9.71 -26.04
CA LYS A 120 -3.26 10.19 -25.63
C LYS A 120 -2.52 9.08 -24.86
N GLN A 121 -3.13 7.90 -24.70
CA GLN A 121 -2.58 6.81 -23.85
C GLN A 121 -1.56 5.99 -24.65
N ALA A 122 -0.59 5.41 -23.96
CA ALA A 122 0.46 4.61 -24.63
C ALA A 122 -0.15 3.32 -25.19
N SER A 123 0.29 2.94 -26.38
CA SER A 123 0.02 1.61 -26.97
C SER A 123 0.42 0.52 -25.97
N GLY A 124 -0.37 -0.55 -25.83
CA GLY A 124 -0.01 -1.70 -24.97
C GLY A 124 -0.81 -1.75 -23.69
N ASN A 125 -1.44 -0.63 -23.31
CA ASN A 125 -2.25 -0.59 -22.08
C ASN A 125 -3.48 -1.46 -22.26
N ILE A 126 -4.02 -1.93 -21.13
CA ILE A 126 -5.28 -2.69 -21.05
C ILE A 126 -6.37 -1.70 -20.63
N VAL A 127 -7.54 -1.84 -21.25
CA VAL A 127 -8.73 -0.97 -21.02
C VAL A 127 -9.95 -1.80 -20.68
N TYR A 128 -10.57 -1.44 -19.56
CA TYR A 128 -11.91 -1.85 -19.10
C TYR A 128 -12.73 -0.58 -19.02
N GLY A 129 -14.01 -0.64 -19.36
CA GLY A 129 -14.82 0.58 -19.26
C GLY A 129 -16.20 0.41 -19.85
N VAL A 130 -17.06 1.38 -19.53
CA VAL A 130 -18.47 1.44 -20.03
C VAL A 130 -18.58 2.63 -20.96
N PHE A 131 -18.94 2.38 -22.22
CA PHE A 131 -18.98 3.44 -23.27
C PHE A 131 -20.22 3.30 -24.15
N MET A 132 -20.76 4.43 -24.56
CA MET A 132 -21.97 4.44 -25.43
C MET A 132 -21.62 4.04 -26.85
N LEU A 133 -22.46 3.22 -27.49
CA LEU A 133 -22.26 2.83 -28.91
C LEU A 133 -22.80 3.94 -29.81
N HIS A 134 -21.95 4.44 -30.71
CA HIS A 134 -22.38 5.39 -31.78
C HIS A 134 -22.87 4.58 -32.98
N LYS A 135 -22.10 3.57 -33.38
CA LYS A 135 -22.34 2.86 -34.66
C LYS A 135 -21.55 1.56 -34.63
N LYS A 136 -22.10 0.53 -35.27
CA LYS A 136 -21.46 -0.81 -35.38
C LYS A 136 -21.42 -1.20 -36.85
N THR A 137 -20.28 -1.72 -37.33
CA THR A 137 -20.14 -2.30 -38.69
C THR A 137 -19.64 -3.73 -38.55
N VAL A 138 -20.46 -4.70 -38.94
CA VAL A 138 -20.10 -6.15 -38.90
C VAL A 138 -19.46 -6.52 -40.23
N ASN A 139 -18.26 -7.12 -40.19
CA ASN A 139 -17.52 -7.62 -41.38
C ASN A 139 -17.46 -9.16 -41.28
N GLN A 140 -16.61 -9.79 -42.09
CA GLN A 140 -16.48 -11.26 -42.18
C GLN A 140 -16.09 -11.82 -40.80
N LYS A 141 -15.04 -11.27 -40.19
CA LYS A 141 -14.46 -11.80 -38.93
C LYS A 141 -14.28 -10.70 -37.89
N THR A 142 -14.46 -9.44 -38.27
CA THR A 142 -14.28 -8.29 -37.36
C THR A 142 -15.58 -7.52 -37.27
N THR A 143 -15.82 -6.91 -36.12
CA THR A 143 -16.86 -5.90 -35.92
C THR A 143 -16.16 -4.64 -35.44
N ILE A 144 -16.46 -3.52 -36.07
CA ILE A 144 -15.98 -2.18 -35.61
C ILE A 144 -17.13 -1.55 -34.84
N TYR A 145 -16.98 -1.44 -33.52
CA TYR A 145 -17.91 -0.71 -32.62
C TYR A 145 -17.30 0.67 -32.39
N GLU A 146 -17.92 1.70 -32.93
CA GLU A 146 -17.54 3.09 -32.67
C GLU A 146 -18.22 3.50 -31.36
N ILE A 147 -17.40 3.74 -30.34
CA ILE A 147 -17.88 4.14 -29.00
C ILE A 147 -17.61 5.64 -28.89
N GLN A 148 -18.42 6.31 -28.09
CA GLN A 148 -18.41 7.78 -27.97
C GLN A 148 -18.71 8.17 -26.53
N ASP A 149 -18.12 9.28 -26.08
CA ASP A 149 -18.51 9.98 -24.84
C ASP A 149 -18.58 11.45 -25.20
N ASP A 150 -18.68 12.32 -24.21
CA ASP A 150 -18.85 13.78 -24.46
C ASP A 150 -17.53 14.38 -24.94
N ARG A 151 -16.42 13.62 -24.97
CA ARG A 151 -15.08 14.17 -25.29
C ARG A 151 -14.41 13.48 -26.48
N GLY A 152 -14.96 12.41 -27.02
CA GLY A 152 -14.32 11.77 -28.17
C GLY A 152 -15.03 10.53 -28.63
N LYS A 153 -14.50 9.96 -29.70
CA LYS A 153 -15.01 8.73 -30.32
C LYS A 153 -13.79 7.87 -30.64
N MET A 154 -13.92 6.55 -30.55
CA MET A 154 -12.82 5.67 -30.93
C MET A 154 -13.40 4.33 -31.40
N ASP A 155 -12.62 3.61 -32.18
CA ASP A 155 -13.02 2.29 -32.72
C ASP A 155 -12.67 1.21 -31.69
N VAL A 156 -13.59 0.27 -31.53
CA VAL A 156 -13.36 -1.01 -30.83
C VAL A 156 -13.40 -2.11 -31.88
N VAL A 157 -12.29 -2.82 -32.03
CA VAL A 157 -12.15 -3.92 -33.02
C VAL A 157 -12.41 -5.24 -32.30
N GLY A 158 -13.57 -5.85 -32.58
CA GLY A 158 -14.03 -7.09 -31.94
C GLY A 158 -13.79 -8.27 -32.87
N THR A 159 -13.01 -9.27 -32.43
CA THR A 159 -12.91 -10.57 -33.12
C THR A 159 -13.30 -11.70 -32.16
N GLY A 160 -13.51 -12.90 -32.70
CA GLY A 160 -13.87 -14.07 -31.87
C GLY A 160 -15.15 -13.81 -31.11
N GLN A 161 -15.13 -14.03 -29.79
CA GLN A 161 -16.32 -13.83 -28.92
C GLN A 161 -16.74 -12.36 -28.94
N CYS A 162 -15.88 -11.44 -29.39
CA CYS A 162 -16.19 -9.98 -29.43
C CYS A 162 -16.67 -9.55 -30.83
N HIS A 163 -16.79 -10.51 -31.76
CA HIS A 163 -17.37 -10.27 -33.12
C HIS A 163 -18.90 -10.41 -33.08
N ASN A 164 -19.59 -9.42 -33.66
CA ASN A 164 -21.01 -9.51 -34.05
C ASN A 164 -21.86 -9.72 -32.79
N ILE A 165 -21.59 -8.95 -31.74
CA ILE A 165 -22.43 -8.92 -30.52
C ILE A 165 -23.65 -8.09 -30.86
N PRO A 166 -24.88 -8.55 -30.52
CA PRO A 166 -26.07 -7.74 -30.78
C PRO A 166 -26.06 -6.51 -29.87
N CYS A 167 -26.27 -5.34 -30.48
CA CYS A 167 -26.45 -4.05 -29.78
C CYS A 167 -26.95 -2.99 -30.76
N GLU A 168 -27.49 -1.88 -30.24
CA GLU A 168 -28.05 -0.76 -31.02
C GLU A 168 -27.32 0.53 -30.63
N GLU A 169 -27.26 1.50 -31.55
CA GLU A 169 -26.88 2.90 -31.25
C GLU A 169 -27.56 3.32 -29.93
N GLY A 170 -26.79 3.87 -28.99
CA GLY A 170 -27.31 4.39 -27.71
C GLY A 170 -27.17 3.38 -26.56
N ASP A 171 -27.00 2.09 -26.88
CA ASP A 171 -26.65 1.04 -25.89
C ASP A 171 -25.30 1.36 -25.26
N LYS A 172 -25.14 1.07 -23.98
CA LYS A 172 -23.84 1.18 -23.27
C LYS A 172 -23.16 -0.19 -23.40
N LEU A 173 -21.93 -0.20 -23.91
CA LEU A 173 -21.11 -1.42 -23.98
C LEU A 173 -20.18 -1.44 -22.77
N GLN A 174 -20.20 -2.54 -22.03
CA GLN A 174 -19.19 -2.77 -20.99
C GLN A 174 -18.08 -3.61 -21.61
N LEU A 175 -16.89 -3.01 -21.72
CA LEU A 175 -15.68 -3.65 -22.29
C LEU A 175 -14.82 -4.21 -21.17
N PHE A 176 -14.33 -5.43 -21.37
CA PHE A 176 -13.43 -6.14 -20.44
C PHE A 176 -12.14 -6.48 -21.19
N CYS A 177 -11.03 -5.95 -20.70
CA CYS A 177 -9.67 -6.46 -20.99
C CYS A 177 -9.31 -6.27 -22.47
N PHE A 178 -9.56 -5.07 -23.00
CA PHE A 178 -9.20 -4.69 -24.38
C PHE A 178 -7.77 -4.14 -24.41
N ARG A 179 -7.08 -4.33 -25.53
CA ARG A 179 -5.71 -3.82 -25.77
C ARG A 179 -5.77 -2.46 -26.49
N LEU A 180 -5.22 -1.41 -25.90
CA LEU A 180 -5.11 -0.11 -26.61
C LEU A 180 -3.96 -0.18 -27.61
N ARG A 181 -4.24 0.20 -28.86
CA ARG A 181 -3.27 0.25 -29.98
C ARG A 181 -3.46 1.60 -30.70
N LYS A 182 -2.44 2.06 -31.43
CA LYS A 182 -2.49 3.39 -32.10
C LYS A 182 -2.83 3.22 -33.59
N LYS A 183 -3.86 3.94 -34.03
CA LYS A 183 -4.12 4.27 -35.47
C LYS A 183 -3.66 5.71 -35.69
N ASN A 184 -2.48 5.89 -36.30
CA ASN A 184 -1.92 7.21 -36.67
C ASN A 184 -2.35 8.26 -35.63
N GLN A 185 -1.89 8.10 -34.39
CA GLN A 185 -2.03 9.08 -33.27
C GLN A 185 -3.43 9.00 -32.62
N MET A 186 -4.45 8.47 -33.31
CA MET A 186 -5.74 8.10 -32.67
C MET A 186 -5.55 6.71 -32.02
N SER A 187 -6.11 6.49 -30.84
CA SER A 187 -6.10 5.15 -30.20
C SER A 187 -7.30 4.33 -30.70
N LYS A 188 -7.15 3.00 -30.72
CA LYS A 188 -8.27 2.04 -30.92
C LYS A 188 -8.16 0.98 -29.83
N LEU A 189 -9.28 0.31 -29.51
CA LEU A 189 -9.34 -0.79 -28.52
C LEU A 189 -9.48 -2.08 -29.29
N ILE A 190 -8.57 -3.03 -29.09
CA ILE A 190 -8.50 -4.29 -29.87
C ILE A 190 -8.84 -5.45 -28.94
N SER A 191 -9.78 -6.28 -29.35
CA SER A 191 -10.20 -7.46 -28.55
C SER A 191 -9.07 -8.48 -28.62
N GLU A 192 -8.86 -9.16 -27.50
CA GLU A 192 -7.86 -10.23 -27.33
C GLU A 192 -8.55 -11.50 -26.83
N MET A 193 -7.76 -12.56 -26.59
CA MET A 193 -8.32 -13.89 -26.32
C MET A 193 -9.29 -13.85 -25.13
N HIS A 194 -9.04 -13.03 -24.11
CA HIS A 194 -9.88 -13.01 -22.89
C HIS A 194 -10.80 -11.79 -22.85
N SER A 195 -10.87 -11.03 -23.94
CA SER A 195 -11.75 -9.83 -23.96
C SER A 195 -13.22 -10.24 -23.97
N PHE A 196 -14.07 -9.32 -23.52
CA PHE A 196 -15.54 -9.52 -23.48
C PHE A 196 -16.24 -8.17 -23.64
N ILE A 197 -17.38 -8.20 -24.33
CA ILE A 197 -18.35 -7.07 -24.43
C ILE A 197 -19.69 -7.56 -23.88
N GLN A 198 -20.21 -6.84 -22.87
CA GLN A 198 -21.57 -6.99 -22.28
C GLN A 198 -22.36 -5.74 -22.65
N ILE A 199 -23.55 -5.92 -23.24
CA ILE A 199 -24.49 -4.81 -23.53
C ILE A 199 -25.15 -4.43 -22.20
N LYS A 200 -25.00 -3.18 -21.78
CA LYS A 200 -25.48 -2.63 -20.48
C LYS A 200 -26.57 -1.60 -20.74
N LYS B 13 1.80 -3.85 4.82
CA LYS B 13 1.25 -2.69 5.60
C LYS B 13 1.09 -1.50 4.65
N ARG B 14 0.06 -1.55 3.80
CA ARG B 14 -0.18 -0.56 2.72
C ARG B 14 -0.72 0.71 3.32
N PRO B 15 -0.61 1.86 2.62
CA PRO B 15 -1.05 3.14 3.18
C PRO B 15 -2.49 3.09 3.67
N VAL B 16 -2.79 3.82 4.75
CA VAL B 16 -4.17 4.06 5.25
C VAL B 16 -4.50 5.53 5.02
N ILE B 17 -5.71 5.78 4.56
CA ILE B 17 -6.22 7.15 4.27
C ILE B 17 -7.20 7.47 5.38
N VAL B 18 -6.85 8.44 6.22
CA VAL B 18 -7.53 8.56 7.53
C VAL B 18 -7.95 10.00 7.77
N LYS B 19 -9.08 10.14 8.46
CA LYS B 19 -9.46 11.40 9.13
C LYS B 19 -8.91 11.35 10.56
N VAL B 20 -8.33 12.44 11.01
CA VAL B 20 -7.77 12.55 12.39
C VAL B 20 -8.91 13.02 13.30
N LEU B 21 -9.36 12.15 14.19
CA LEU B 21 -10.54 12.40 15.08
C LEU B 21 -10.08 13.25 16.29
N SER B 22 -8.87 13.02 16.77
CA SER B 22 -8.33 13.73 17.97
C SER B 22 -6.82 13.55 18.06
N THR B 23 -6.14 14.45 18.78
CA THR B 23 -4.71 14.34 19.13
C THR B 23 -4.54 14.79 20.58
N THR B 24 -3.49 14.31 21.22
CA THR B 24 -2.98 14.94 22.47
C THR B 24 -2.05 16.07 22.08
N LYS B 25 -1.78 16.97 23.03
CA LYS B 25 -0.61 17.88 22.93
C LYS B 25 0.63 17.00 22.98
N PRO B 26 1.78 17.48 22.46
CA PRO B 26 3.02 16.73 22.61
C PRO B 26 3.38 16.60 24.09
N PHE B 27 4.05 15.51 24.44
CA PHE B 27 4.52 15.28 25.81
C PHE B 27 5.84 14.55 25.78
N GLU B 28 6.63 14.79 26.81
CA GLU B 28 7.90 14.13 27.06
C GLU B 28 7.67 12.74 27.63
N TYR B 29 8.45 11.79 27.17
CA TYR B 29 8.42 10.40 27.66
C TYR B 29 9.85 9.91 27.81
N GLU B 30 9.98 8.81 28.53
CA GLU B 30 11.25 8.25 29.01
C GLU B 30 11.37 6.84 28.45
N THR B 31 12.46 6.54 27.76
CA THR B 31 12.71 5.20 27.16
C THR B 31 13.38 4.33 28.23
N PRO B 32 13.43 2.99 28.04
CA PRO B 32 14.16 2.13 28.96
C PRO B 32 15.66 2.44 29.01
N GLU B 33 16.18 3.14 27.99
CA GLU B 33 17.60 3.57 27.91
C GLU B 33 17.76 4.96 28.55
N MET B 34 16.70 5.44 29.22
CA MET B 34 16.67 6.69 30.04
C MET B 34 16.82 7.93 29.15
N GLU B 35 16.55 7.82 27.85
CA GLU B 35 16.47 8.96 26.91
C GLU B 35 15.12 9.66 27.08
N LYS B 36 15.09 11.00 27.10
CA LYS B 36 13.84 11.79 27.09
C LYS B 36 13.56 12.25 25.66
N LYS B 37 12.40 11.89 25.13
CA LYS B 37 11.97 12.25 23.77
C LYS B 37 10.56 12.83 23.86
N ILE B 38 10.06 13.35 22.75
CA ILE B 38 8.73 13.98 22.68
C ILE B 38 7.91 13.22 21.66
N MET B 39 6.62 13.06 21.94
CA MET B 39 5.68 12.36 21.04
C MET B 39 4.29 12.94 21.27
N PHE B 40 3.33 12.51 20.46
CA PHE B 40 1.90 12.77 20.74
C PHE B 40 1.11 11.55 20.30
N HIS B 41 -0.08 11.42 20.89
CA HIS B 41 -1.06 10.39 20.50
C HIS B 41 -2.10 10.99 19.56
N ALA B 42 -2.62 10.14 18.68
CA ALA B 42 -3.67 10.54 17.74
C ALA B 42 -4.68 9.40 17.68
N THR B 43 -5.94 9.74 17.45
CA THR B 43 -6.97 8.74 17.09
C THR B 43 -7.43 9.08 15.67
N VAL B 44 -7.43 8.09 14.79
CA VAL B 44 -7.75 8.31 13.36
C VAL B 44 -8.74 7.25 12.91
N ALA B 45 -9.36 7.47 11.77
CA ALA B 45 -10.22 6.43 11.17
C ALA B 45 -10.14 6.53 9.66
N THR B 46 -10.08 5.36 9.04
CA THR B 46 -10.35 5.18 7.61
C THR B 46 -11.87 5.22 7.42
N GLN B 47 -12.34 4.94 6.22
CA GLN B 47 -13.81 4.86 5.98
C GLN B 47 -14.41 3.67 6.74
N THR B 48 -13.61 2.67 7.14
CA THR B 48 -14.13 1.36 7.63
C THR B 48 -13.66 1.02 9.05
N GLN B 49 -12.69 1.72 9.65
CA GLN B 49 -12.21 1.33 11.00
C GLN B 49 -11.42 2.48 11.63
N PHE B 50 -11.26 2.44 12.95
CA PHE B 50 -10.45 3.42 13.71
C PHE B 50 -9.14 2.76 14.15
N PHE B 51 -8.12 3.58 14.37
CA PHE B 51 -6.81 3.18 14.94
C PHE B 51 -6.41 4.24 15.96
N HIS B 52 -5.91 3.80 17.12
CA HIS B 52 -5.03 4.64 17.97
C HIS B 52 -3.68 4.70 17.25
N VAL B 53 -3.01 5.85 17.30
CA VAL B 53 -1.75 6.06 16.57
C VAL B 53 -0.75 6.69 17.54
N LYS B 54 0.45 6.11 17.60
CA LYS B 54 1.61 6.71 18.34
C LYS B 54 2.40 7.52 17.34
N VAL B 55 2.49 8.83 17.54
CA VAL B 55 3.24 9.70 16.59
C VAL B 55 4.54 10.11 17.29
N LEU B 56 5.63 9.43 16.92
CA LEU B 56 6.94 9.53 17.62
C LEU B 56 7.74 10.69 17.05
N ASN B 57 7.22 11.35 16.02
CA ASN B 57 7.87 12.48 15.32
C ASN B 57 6.98 13.71 15.45
N THR B 58 7.33 14.64 16.33
CA THR B 58 6.45 15.80 16.65
C THR B 58 6.43 16.81 15.50
N SER B 59 7.37 16.71 14.57
CA SER B 59 7.41 17.47 13.29
C SER B 59 6.12 17.20 12.50
N LEU B 60 5.39 16.12 12.79
CA LEU B 60 4.15 15.76 12.07
C LEU B 60 2.92 16.42 12.69
N LYS B 61 3.05 17.18 13.79
CA LYS B 61 1.90 17.71 14.58
C LYS B 61 0.90 18.41 13.65
N GLU B 62 1.36 19.27 12.74
CA GLU B 62 0.45 20.04 11.86
C GLU B 62 -0.25 19.10 10.87
N LYS B 63 0.43 18.05 10.39
CA LYS B 63 -0.21 17.05 9.48
C LYS B 63 -1.40 16.39 10.20
N PHE B 64 -1.39 16.33 11.54
CA PHE B 64 -2.45 15.68 12.35
C PHE B 64 -3.38 16.73 13.01
N ASN B 65 -3.45 17.95 12.48
CA ASN B 65 -4.33 19.01 13.07
C ASN B 65 -5.82 18.77 12.70
N GLY B 66 -6.15 17.77 11.87
CA GLY B 66 -7.55 17.38 11.58
C GLY B 66 -8.20 18.24 10.51
N LYS B 67 -7.44 19.16 9.91
CA LYS B 67 -7.97 20.07 8.85
C LYS B 67 -8.13 19.27 7.56
N LYS B 68 -7.25 18.30 7.30
CA LYS B 68 -7.19 17.57 6.01
C LYS B 68 -7.12 16.06 6.30
N ILE B 69 -7.69 15.28 5.39
CA ILE B 69 -7.48 13.80 5.32
C ILE B 69 -6.01 13.59 5.01
N ILE B 70 -5.38 12.58 5.64
CA ILE B 70 -3.94 12.31 5.45
C ILE B 70 -3.76 10.85 5.02
N ILE B 71 -2.65 10.59 4.36
CA ILE B 71 -2.25 9.23 3.94
C ILE B 71 -1.03 8.84 4.78
N ILE B 72 -1.12 7.75 5.53
CA ILE B 72 -0.01 7.27 6.41
C ILE B 72 0.63 6.03 5.79
N SER B 73 1.94 6.11 5.53
CA SER B 73 2.77 5.09 4.86
C SER B 73 3.94 4.67 5.77
N ASP B 74 4.38 3.42 5.65
CA ASP B 74 5.58 2.87 6.35
C ASP B 74 5.43 3.09 7.87
N TYR B 75 4.23 2.83 8.38
CA TYR B 75 3.92 2.77 9.83
C TYR B 75 4.20 1.34 10.31
N LEU B 76 4.34 1.16 11.62
CA LEU B 76 4.35 -0.18 12.25
C LEU B 76 2.96 -0.44 12.81
N GLU B 77 2.53 -1.71 12.83
CA GLU B 77 1.21 -2.14 13.32
C GLU B 77 1.43 -3.28 14.32
N TYR B 78 1.01 -3.06 15.58
CA TYR B 78 1.17 -4.00 16.71
C TYR B 78 0.25 -3.49 17.83
N ASP B 79 -0.15 -4.34 18.76
CA ASP B 79 -0.98 -3.94 19.93
C ASP B 79 -2.34 -3.39 19.46
N SER B 80 -2.75 -3.67 18.20
CA SER B 80 -4.00 -3.18 17.55
C SER B 80 -3.88 -1.68 17.17
N LEU B 81 -2.69 -1.11 17.25
CA LEU B 81 -2.48 0.35 17.02
C LEU B 81 -1.45 0.54 15.91
N LEU B 82 -1.29 1.78 15.43
CA LEU B 82 -0.27 2.15 14.42
C LEU B 82 0.81 3.00 15.10
N GLU B 83 2.07 2.75 14.75
CA GLU B 83 3.21 3.60 15.16
C GLU B 83 3.75 4.34 13.95
N VAL B 84 3.76 5.67 14.04
CA VAL B 84 4.31 6.59 13.01
C VAL B 84 5.63 7.14 13.56
N ASN B 85 6.76 6.84 12.89
CA ASN B 85 8.12 7.17 13.39
C ASN B 85 8.89 7.92 12.28
N GLU B 86 10.20 8.18 12.48
CA GLU B 86 11.04 8.91 11.48
C GLU B 86 11.06 8.13 10.15
N GLU B 87 10.83 6.82 10.16
CA GLU B 87 10.83 5.95 8.94
C GLU B 87 9.51 6.09 8.17
N SER B 88 8.47 6.66 8.78
CA SER B 88 7.09 6.76 8.22
C SER B 88 6.97 7.98 7.30
N THR B 89 5.96 7.96 6.43
CA THR B 89 5.59 9.11 5.57
C THR B 89 4.14 9.44 5.88
N VAL B 90 3.82 10.72 6.04
CA VAL B 90 2.43 11.20 6.22
C VAL B 90 2.22 12.33 5.21
N SER B 91 1.29 12.12 4.29
CA SER B 91 1.02 13.05 3.18
C SER B 91 -0.43 13.51 3.25
N GLU B 92 -0.68 14.73 2.80
CA GLU B 92 -2.04 15.24 2.57
C GLU B 92 -2.67 14.40 1.44
N ALA B 93 -3.91 13.96 1.61
CA ALA B 93 -4.73 13.37 0.55
C ALA B 93 -5.17 14.50 -0.39
N GLY B 94 -5.52 14.19 -1.62
CA GLY B 94 -6.05 15.19 -2.55
C GLY B 94 -7.52 15.48 -2.26
N PRO B 95 -8.12 16.47 -2.97
CA PRO B 95 -9.47 16.95 -2.65
C PRO B 95 -10.59 15.89 -2.75
N ASN B 96 -10.54 15.00 -3.75
CA ASN B 96 -11.58 13.95 -3.90
C ASN B 96 -11.35 12.80 -2.90
N GLN B 97 -10.47 12.94 -1.91
CA GLN B 97 -10.24 11.85 -0.90
C GLN B 97 -11.00 12.15 0.40
N THR B 98 -11.77 13.22 0.47
CA THR B 98 -12.51 13.61 1.71
C THR B 98 -13.66 12.63 1.97
N PHE B 99 -13.90 12.31 3.24
CA PHE B 99 -15.03 11.47 3.69
C PHE B 99 -15.36 11.80 5.14
N GLU B 100 -16.56 11.38 5.57
CA GLU B 100 -17.01 11.33 6.98
C GLU B 100 -16.93 9.88 7.48
N VAL B 101 -16.54 9.74 8.74
CA VAL B 101 -16.36 8.44 9.42
C VAL B 101 -17.74 8.03 9.93
N PRO B 102 -18.25 6.84 9.55
CA PRO B 102 -19.48 6.31 10.09
C PRO B 102 -19.56 6.49 11.63
N ASN B 103 -20.71 6.96 12.11
CA ASN B 103 -20.88 7.31 13.55
C ASN B 103 -20.53 6.10 14.42
N LYS B 104 -20.82 4.87 13.95
CA LYS B 104 -20.55 3.64 14.73
C LYS B 104 -19.04 3.50 14.97
N ILE B 105 -18.22 3.95 14.01
CA ILE B 105 -16.72 3.91 14.13
C ILE B 105 -16.27 5.02 15.09
N ILE B 106 -16.83 6.23 14.99
CA ILE B 106 -16.53 7.36 15.91
C ILE B 106 -16.78 6.89 17.35
N ASN B 107 -17.91 6.22 17.60
CA ASN B 107 -18.32 5.73 18.95
C ASN B 107 -17.37 4.63 19.42
N ARG B 108 -17.06 3.63 18.58
CA ARG B 108 -16.11 2.54 18.95
C ARG B 108 -14.76 3.13 19.33
N ALA B 109 -14.33 4.21 18.67
CA ALA B 109 -13.00 4.83 18.88
C ALA B 109 -12.95 5.46 20.28
N LYS B 110 -14.10 5.84 20.86
CA LYS B 110 -14.17 6.54 22.17
C LYS B 110 -14.58 5.59 23.30
N GLU B 111 -15.05 4.37 22.99
CA GLU B 111 -15.58 3.40 23.98
C GLU B 111 -14.50 3.03 25.01
N THR B 112 -14.91 2.86 26.26
CA THR B 112 -14.09 2.34 27.38
C THR B 112 -14.71 1.02 27.85
N LEU B 113 -13.89 -0.02 28.03
CA LEU B 113 -14.33 -1.31 28.60
C LEU B 113 -14.66 -1.13 30.09
N LYS B 114 -15.71 -1.82 30.54
CA LYS B 114 -16.05 -1.93 31.97
C LYS B 114 -14.90 -2.66 32.67
N ILE B 115 -14.67 -2.34 33.95
CA ILE B 115 -13.45 -2.79 34.68
C ILE B 115 -13.59 -4.28 35.01
N ASP B 116 -14.80 -4.78 35.26
CA ASP B 116 -15.02 -6.24 35.48
C ASP B 116 -14.54 -7.00 34.24
N ILE B 117 -14.76 -6.46 33.04
CA ILE B 117 -14.32 -7.10 31.76
C ILE B 117 -12.79 -7.03 31.67
N LEU B 118 -12.19 -5.90 32.03
CA LEU B 118 -10.71 -5.73 31.97
C LEU B 118 -10.05 -6.78 32.88
N HIS B 119 -10.63 -7.06 34.04
CA HIS B 119 -10.12 -8.06 35.02
C HIS B 119 -10.08 -9.46 34.41
N LYS B 120 -10.83 -9.72 33.33
CA LYS B 120 -10.87 -11.04 32.66
C LYS B 120 -10.14 -10.98 31.32
N GLN B 121 -9.67 -9.80 30.89
CA GLN B 121 -8.99 -9.62 29.58
C GLN B 121 -7.57 -10.21 29.69
N ALA B 122 -6.98 -10.58 28.55
CA ALA B 122 -5.64 -11.19 28.47
C ALA B 122 -4.58 -10.20 28.96
N SER B 123 -3.71 -10.64 29.87
CA SER B 123 -2.44 -9.95 30.21
C SER B 123 -1.71 -9.66 28.90
N GLY B 124 -1.19 -8.43 28.70
CA GLY B 124 -0.44 -8.10 27.49
C GLY B 124 -1.23 -7.24 26.54
N ASN B 125 -2.54 -7.08 26.79
CA ASN B 125 -3.38 -6.20 25.93
C ASN B 125 -3.03 -4.74 26.23
N ILE B 126 -3.10 -3.92 25.18
CA ILE B 126 -2.95 -2.44 25.27
C ILE B 126 -4.33 -1.87 25.57
N VAL B 127 -4.40 -0.96 26.52
CA VAL B 127 -5.69 -0.42 27.01
C VAL B 127 -5.67 1.10 26.85
N TYR B 128 -6.73 1.61 26.22
CA TYR B 128 -7.07 3.04 26.19
C TYR B 128 -8.45 3.18 26.81
N GLY B 129 -8.70 4.25 27.54
CA GLY B 129 -10.04 4.40 28.15
C GLY B 129 -10.10 5.59 29.06
N VAL B 130 -11.32 5.94 29.48
CA VAL B 130 -11.63 7.08 30.38
C VAL B 130 -12.22 6.48 31.65
N PHE B 131 -11.53 6.67 32.77
CA PHE B 131 -11.87 5.99 34.05
C PHE B 131 -11.83 7.00 35.18
N MET B 132 -12.84 6.97 36.06
CA MET B 132 -12.90 7.86 37.24
C MET B 132 -11.78 7.49 38.23
N LEU B 133 -11.11 8.48 38.79
CA LEU B 133 -10.07 8.30 39.85
C LEU B 133 -10.77 8.16 41.20
N HIS B 134 -10.47 7.10 41.94
CA HIS B 134 -11.00 6.87 43.31
C HIS B 134 -9.97 7.33 44.35
N LYS B 135 -8.74 6.85 44.23
CA LYS B 135 -7.66 7.02 45.24
C LYS B 135 -6.31 7.03 44.52
N LYS B 136 -5.36 7.82 45.02
CA LYS B 136 -4.00 7.95 44.45
C LYS B 136 -2.98 7.77 45.59
N THR B 137 -1.94 6.98 45.36
CA THR B 137 -0.77 6.74 46.25
C THR B 137 0.52 7.07 45.50
N VAL B 138 1.29 8.06 45.95
CA VAL B 138 2.51 8.56 45.24
C VAL B 138 3.74 8.08 46.02
N ASN B 139 4.47 7.12 45.47
CA ASN B 139 5.68 6.50 46.07
C ASN B 139 6.95 7.12 45.45
N THR B 142 6.94 4.95 41.63
CA THR B 142 5.62 4.64 41.06
C THR B 142 4.53 5.54 41.69
N THR B 143 3.45 5.81 40.94
CA THR B 143 2.16 6.31 41.46
C THR B 143 1.10 5.24 41.19
N ILE B 144 0.29 4.90 42.20
CA ILE B 144 -0.80 3.91 42.07
C ILE B 144 -2.11 4.69 42.00
N TYR B 145 -2.72 4.79 40.81
CA TYR B 145 -4.06 5.41 40.60
C TYR B 145 -5.09 4.28 40.68
N GLU B 146 -5.95 4.33 41.68
CA GLU B 146 -7.10 3.39 41.80
C GLU B 146 -8.25 3.98 40.98
N ILE B 147 -8.56 3.35 39.85
CA ILE B 147 -9.69 3.75 38.96
C ILE B 147 -10.90 2.90 39.32
N GLN B 148 -12.09 3.36 38.95
CA GLN B 148 -13.35 2.72 39.40
C GLN B 148 -14.47 3.05 38.41
N ASP B 149 -15.35 2.08 38.18
CA ASP B 149 -16.65 2.31 37.50
C ASP B 149 -17.72 1.56 38.29
N ASP B 150 -18.94 1.47 37.74
CA ASP B 150 -20.10 0.85 38.43
C ASP B 150 -19.93 -0.67 38.53
N ARG B 151 -18.91 -1.25 37.88
CA ARG B 151 -18.70 -2.72 37.83
C ARG B 151 -17.42 -3.18 38.53
N GLY B 152 -16.50 -2.28 38.89
CA GLY B 152 -15.25 -2.72 39.54
C GLY B 152 -14.24 -1.61 39.76
N LYS B 153 -13.08 -1.97 40.31
CA LYS B 153 -11.95 -1.03 40.48
C LYS B 153 -10.66 -1.77 40.13
N MET B 154 -9.66 -1.00 39.74
CA MET B 154 -8.36 -1.55 39.28
C MET B 154 -7.27 -0.54 39.64
N ASP B 155 -6.09 -1.06 39.93
CA ASP B 155 -4.87 -0.26 40.16
C ASP B 155 -4.23 0.08 38.81
N VAL B 156 -3.79 1.32 38.68
CA VAL B 156 -3.01 1.82 37.53
C VAL B 156 -1.66 2.24 38.07
N VAL B 157 -0.58 1.67 37.53
CA VAL B 157 0.81 1.91 38.02
C VAL B 157 1.47 2.90 37.06
N GLY B 158 1.68 4.16 37.49
CA GLY B 158 2.35 5.19 36.69
C GLY B 158 3.84 5.29 37.03
N THR B 159 4.72 5.04 36.07
CA THR B 159 6.18 5.34 36.18
C THR B 159 6.57 6.35 35.08
N GLY B 160 7.78 6.90 35.17
CA GLY B 160 8.29 7.89 34.20
C GLY B 160 7.33 9.04 34.05
N GLN B 161 6.91 9.35 32.82
CA GLN B 161 6.03 10.52 32.54
C GLN B 161 4.64 10.32 33.14
N CYS B 162 4.29 9.10 33.58
CA CYS B 162 2.96 8.80 34.16
C CYS B 162 3.03 8.78 35.69
N HIS B 163 4.21 9.05 36.27
CA HIS B 163 4.38 9.23 37.73
C HIS B 163 3.83 10.60 38.18
N ASN B 164 3.02 10.60 39.23
CA ASN B 164 2.58 11.81 39.99
C ASN B 164 1.99 12.85 39.04
N ILE B 165 1.10 12.44 38.14
CA ILE B 165 0.28 13.36 37.31
C ILE B 165 -0.76 14.02 38.22
N PRO B 166 -0.93 15.36 38.18
CA PRO B 166 -1.94 16.02 39.00
C PRO B 166 -3.38 15.59 38.66
N CYS B 167 -4.14 15.22 39.69
CA CYS B 167 -5.56 14.78 39.56
C CYS B 167 -6.17 14.60 40.95
N GLU B 168 -7.48 14.82 41.07
CA GLU B 168 -8.25 14.66 42.34
C GLU B 168 -9.26 13.52 42.18
N GLU B 169 -9.69 12.93 43.30
CA GLU B 169 -10.83 11.98 43.35
C GLU B 169 -12.01 12.60 42.60
N GLY B 170 -12.62 11.83 41.68
CA GLY B 170 -13.78 12.26 40.89
C GLY B 170 -13.39 12.77 39.51
N ASP B 171 -12.10 13.03 39.28
CA ASP B 171 -11.56 13.38 37.94
C ASP B 171 -11.67 12.13 37.06
N LYS B 172 -12.14 12.29 35.83
CA LYS B 172 -12.07 11.23 34.79
C LYS B 172 -10.67 11.28 34.17
N LEU B 173 -9.91 10.20 34.31
CA LEU B 173 -8.54 10.08 33.71
C LEU B 173 -8.68 9.40 32.35
N GLN B 174 -8.20 10.05 31.28
CA GLN B 174 -8.04 9.44 29.95
C GLN B 174 -6.65 8.78 29.89
N LEU B 175 -6.63 7.45 29.73
CA LEU B 175 -5.40 6.62 29.69
C LEU B 175 -5.10 6.29 28.22
N PHE B 176 -3.85 6.45 27.81
CA PHE B 176 -3.38 6.14 26.44
C PHE B 176 -2.33 5.04 26.57
N CYS B 177 -2.51 3.95 25.85
CA CYS B 177 -1.38 3.02 25.58
C CYS B 177 -0.87 2.39 26.89
N PHE B 178 -1.76 2.00 27.81
CA PHE B 178 -1.39 1.26 29.05
C PHE B 178 -1.37 -0.24 28.76
N ARG B 179 -0.56 -0.97 29.53
CA ARG B 179 -0.42 -2.44 29.41
C ARG B 179 -1.24 -3.12 30.51
N LEU B 180 -2.17 -3.99 30.14
CA LEU B 180 -2.88 -4.85 31.11
C LEU B 180 -1.90 -5.94 31.56
N ARG B 181 -1.68 -6.07 32.85
CA ARG B 181 -0.74 -7.07 33.40
C ARG B 181 -1.45 -7.83 34.51
N LYS B 182 -1.55 -9.14 34.37
CA LYS B 182 -1.99 -10.07 35.43
C LYS B 182 -0.71 -10.65 36.04
N LYS B 183 -0.43 -10.27 37.29
CA LYS B 183 0.70 -10.76 38.13
C LYS B 183 0.16 -11.08 39.53
N ASN B 184 0.54 -12.25 40.07
CA ASN B 184 0.05 -12.78 41.37
C ASN B 184 -1.48 -12.84 41.35
N GLN B 185 -2.06 -13.10 40.18
CA GLN B 185 -3.51 -13.34 39.92
C GLN B 185 -4.32 -12.05 40.06
N MET B 186 -3.67 -10.89 40.19
CA MET B 186 -4.36 -9.57 40.24
C MET B 186 -4.05 -8.80 38.96
N SER B 187 -5.08 -8.27 38.29
CA SER B 187 -4.93 -7.53 37.02
C SER B 187 -4.78 -6.04 37.33
N LYS B 188 -3.79 -5.39 36.72
CA LYS B 188 -3.52 -3.94 36.86
C LYS B 188 -3.24 -3.36 35.47
N LEU B 189 -3.26 -2.03 35.38
CA LEU B 189 -2.80 -1.31 34.18
C LEU B 189 -1.41 -0.76 34.50
N ILE B 190 -0.44 -1.02 33.63
CA ILE B 190 0.98 -0.60 33.83
C ILE B 190 1.32 0.44 32.76
N SER B 191 1.81 1.62 33.17
CA SER B 191 2.35 2.60 32.20
C SER B 191 3.64 2.05 31.59
N GLU B 192 3.81 2.29 30.29
CA GLU B 192 5.02 1.95 29.51
C GLU B 192 5.57 3.22 28.88
N MET B 193 6.61 3.11 28.04
CA MET B 193 7.36 4.31 27.63
C MET B 193 6.47 5.26 26.83
N HIS B 194 5.44 4.79 26.11
CA HIS B 194 4.58 5.70 25.30
C HIS B 194 3.23 5.95 25.96
N SER B 195 3.05 5.56 27.22
CA SER B 195 1.76 5.73 27.94
C SER B 195 1.58 7.21 28.26
N PHE B 196 0.33 7.63 28.46
CA PHE B 196 0.02 9.04 28.78
C PHE B 196 -1.28 9.07 29.58
N ILE B 197 -1.34 9.94 30.58
CA ILE B 197 -2.58 10.21 31.37
C ILE B 197 -2.89 11.70 31.23
N GLN B 198 -4.16 12.04 31.03
CA GLN B 198 -4.65 13.43 31.14
C GLN B 198 -6.08 13.40 31.68
N ILE B 199 -6.49 14.46 32.38
CA ILE B 199 -7.89 14.62 32.86
C ILE B 199 -8.77 14.86 31.64
N LYS B 200 -9.89 14.13 31.50
CA LYS B 200 -11.02 14.40 30.58
C LYS B 200 -11.47 13.09 29.92
N ASN C 9 4.81 22.92 -37.90
CA ASN C 9 5.50 24.19 -38.27
C ASN C 9 4.63 25.03 -39.22
N VAL C 10 3.43 24.55 -39.58
CA VAL C 10 2.52 25.23 -40.56
C VAL C 10 1.90 26.44 -39.87
N LEU C 11 2.02 27.62 -40.48
CA LEU C 11 1.39 28.87 -40.00
C LEU C 11 -0.12 28.80 -40.26
N GLN C 12 -0.94 28.96 -39.22
CA GLN C 12 -2.42 29.00 -39.32
CA GLN C 12 -2.41 29.00 -39.38
C GLN C 12 -2.84 30.46 -39.52
N LYS C 13 -3.44 30.78 -40.67
CA LYS C 13 -3.81 32.17 -41.03
C LYS C 13 -5.28 32.43 -40.69
N ARG C 14 -6.12 31.40 -40.59
CA ARG C 14 -7.54 31.58 -40.19
C ARG C 14 -7.57 32.01 -38.72
N PRO C 15 -8.19 33.16 -38.37
CA PRO C 15 -8.31 33.56 -36.97
C PRO C 15 -9.09 32.55 -36.10
N VAL C 16 -8.78 32.53 -34.81
CA VAL C 16 -9.58 31.83 -33.75
C VAL C 16 -9.98 32.89 -32.73
N ILE C 17 -11.22 32.86 -32.25
CA ILE C 17 -11.79 33.89 -31.34
C ILE C 17 -11.95 33.25 -29.97
N VAL C 18 -11.28 33.80 -28.96
CA VAL C 18 -11.12 33.12 -27.65
C VAL C 18 -11.38 34.12 -26.53
N LYS C 19 -11.90 33.58 -25.42
CA LYS C 19 -11.94 34.29 -24.12
C LYS C 19 -10.70 33.82 -23.35
N VAL C 20 -9.98 34.74 -22.72
CA VAL C 20 -8.75 34.42 -21.93
C VAL C 20 -9.20 34.05 -20.51
N LEU C 21 -8.92 32.82 -20.09
CA LEU C 21 -9.35 32.30 -18.78
C LEU C 21 -8.32 32.69 -17.71
N SER C 22 -7.03 32.64 -18.06
CA SER C 22 -5.93 32.90 -17.11
C SER C 22 -4.64 33.24 -17.87
N THR C 23 -3.74 33.93 -17.18
CA THR C 23 -2.36 34.20 -17.65
C THR C 23 -1.39 34.04 -16.49
N THR C 24 -0.15 33.69 -16.81
CA THR C 24 0.95 33.71 -15.83
C THR C 24 1.58 35.10 -15.90
N LYS C 25 2.44 35.36 -14.93
CA LYS C 25 3.39 36.49 -14.98
C LYS C 25 4.39 36.22 -16.09
N PRO C 26 5.04 37.26 -16.63
CA PRO C 26 6.13 37.06 -17.58
C PRO C 26 7.32 36.40 -16.86
N PHE C 27 8.17 35.71 -17.62
CA PHE C 27 9.34 34.99 -17.09
C PHE C 27 10.36 34.82 -18.22
N GLU C 28 11.62 34.68 -17.82
CA GLU C 28 12.77 34.60 -18.76
C GLU C 28 12.98 33.12 -19.12
N TYR C 29 13.32 32.88 -20.38
CA TYR C 29 13.70 31.55 -20.89
C TYR C 29 14.92 31.73 -21.80
N GLU C 30 15.58 30.61 -22.13
CA GLU C 30 16.82 30.55 -22.94
C GLU C 30 16.53 29.84 -24.26
N THR C 31 17.03 30.38 -25.38
CA THR C 31 16.87 29.79 -26.73
C THR C 31 18.09 28.90 -26.98
N PRO C 32 18.03 27.94 -27.94
CA PRO C 32 19.19 27.12 -28.29
C PRO C 32 20.44 27.94 -28.67
N GLU C 33 20.24 29.16 -29.19
CA GLU C 33 21.33 30.13 -29.51
C GLU C 33 21.77 30.90 -28.25
N MET C 34 21.27 30.50 -27.07
CA MET C 34 21.72 31.00 -25.74
C MET C 34 21.32 32.48 -25.57
N GLU C 35 20.31 32.94 -26.29
CA GLU C 35 19.68 34.27 -26.09
C GLU C 35 18.63 34.13 -24.99
N LYS C 36 18.49 35.16 -24.16
CA LYS C 36 17.49 35.21 -23.05
C LYS C 36 16.28 36.01 -23.54
N LYS C 37 15.09 35.42 -23.47
CA LYS C 37 13.84 36.12 -23.91
C LYS C 37 12.81 36.02 -22.79
N ILE C 38 11.77 36.83 -22.90
CA ILE C 38 10.65 36.87 -21.93
C ILE C 38 9.38 36.36 -22.64
N MET C 39 8.56 35.60 -21.92
CA MET C 39 7.25 35.14 -22.44
C MET C 39 6.27 35.06 -21.28
N PHE C 40 5.00 34.77 -21.58
CA PHE C 40 4.07 34.30 -20.55
C PHE C 40 3.18 33.23 -21.16
N HIS C 41 2.49 32.50 -20.28
CA HIS C 41 1.53 31.43 -20.61
C HIS C 41 0.12 32.00 -20.45
N ALA C 42 -0.80 31.56 -21.30
CA ALA C 42 -2.24 31.87 -21.18
C ALA C 42 -3.05 30.60 -21.39
N THR C 43 -4.25 30.57 -20.80
CA THR C 43 -5.28 29.54 -21.04
C THR C 43 -6.49 30.27 -21.59
N VAL C 44 -7.00 29.80 -22.72
CA VAL C 44 -8.07 30.50 -23.48
C VAL C 44 -9.12 29.45 -23.82
N ALA C 45 -10.29 29.88 -24.26
CA ALA C 45 -11.38 28.97 -24.64
C ALA C 45 -12.20 29.57 -25.76
N THR C 46 -12.69 28.72 -26.64
CA THR C 46 -13.86 29.00 -27.51
C THR C 46 -15.11 28.49 -26.78
N GLN C 47 -16.26 28.50 -27.44
CA GLN C 47 -17.52 27.86 -26.98
C GLN C 47 -17.32 26.35 -26.77
N THR C 48 -16.36 25.72 -27.44
CA THR C 48 -16.29 24.24 -27.58
C THR C 48 -15.02 23.62 -26.99
N GLN C 49 -14.02 24.41 -26.59
CA GLN C 49 -12.70 23.87 -26.20
C GLN C 49 -11.89 24.91 -25.41
N PHE C 50 -11.15 24.45 -24.41
CA PHE C 50 -10.09 25.27 -23.76
C PHE C 50 -8.76 24.78 -24.34
N PHE C 51 -7.77 25.66 -24.38
CA PHE C 51 -6.41 25.25 -24.78
C PHE C 51 -5.40 26.26 -24.24
N HIS C 52 -4.16 25.80 -24.20
CA HIS C 52 -3.00 26.54 -23.64
C HIS C 52 -2.31 27.29 -24.77
N VAL C 53 -1.83 28.49 -24.45
CA VAL C 53 -1.18 29.40 -25.43
C VAL C 53 0.17 29.81 -24.86
N LYS C 54 1.22 29.61 -25.65
CA LYS C 54 2.53 30.22 -25.36
C LYS C 54 2.52 31.61 -25.96
N VAL C 55 2.64 32.67 -25.15
CA VAL C 55 2.69 34.05 -25.70
C VAL C 55 4.14 34.54 -25.67
N LEU C 56 4.84 34.45 -26.80
CA LEU C 56 6.29 34.75 -26.87
C LEU C 56 6.50 36.24 -27.18
N ASN C 57 5.46 37.05 -26.99
CA ASN C 57 5.50 38.52 -27.18
C ASN C 57 4.83 39.19 -25.99
N THR C 58 5.60 39.71 -25.04
CA THR C 58 5.08 40.28 -23.78
C THR C 58 4.32 41.59 -24.04
N SER C 59 4.53 42.24 -25.18
CA SER C 59 3.79 43.48 -25.56
C SER C 59 2.29 43.17 -25.72
N LEU C 60 1.91 41.90 -25.86
CA LEU C 60 0.48 41.46 -25.90
C LEU C 60 -0.11 41.28 -24.49
N LYS C 61 0.65 41.59 -23.43
CA LYS C 61 0.19 41.38 -22.03
C LYS C 61 -1.24 41.90 -21.86
N GLU C 62 -1.50 43.16 -22.23
CA GLU C 62 -2.78 43.86 -21.95
C GLU C 62 -3.93 43.21 -22.73
N LYS C 63 -3.67 42.75 -23.96
CA LYS C 63 -4.69 42.04 -24.78
C LYS C 63 -5.13 40.76 -24.07
N PHE C 64 -4.25 40.18 -23.23
CA PHE C 64 -4.45 38.89 -22.52
C PHE C 64 -4.84 39.14 -21.06
N ASN C 65 -5.20 40.38 -20.70
CA ASN C 65 -5.52 40.79 -19.31
C ASN C 65 -7.04 40.93 -19.16
N LYS C 68 -10.84 39.29 -21.54
CA LYS C 68 -11.47 39.91 -22.74
C LYS C 68 -11.50 38.87 -23.88
N ILE C 69 -12.32 39.10 -24.91
CA ILE C 69 -12.42 38.20 -26.10
C ILE C 69 -11.52 38.78 -27.20
N ILE C 70 -10.61 37.94 -27.68
CA ILE C 70 -9.53 38.35 -28.60
C ILE C 70 -9.57 37.45 -29.82
N ILE C 71 -9.03 37.97 -30.91
CA ILE C 71 -8.93 37.28 -32.21
C ILE C 71 -7.45 37.06 -32.46
N ILE C 72 -7.04 35.79 -32.56
CA ILE C 72 -5.64 35.40 -32.76
C ILE C 72 -5.49 34.87 -34.18
N SER C 73 -4.46 35.33 -34.91
CA SER C 73 -4.18 34.87 -36.30
C SER C 73 -2.67 34.77 -36.52
N ASP C 74 -2.27 33.98 -37.52
CA ASP C 74 -0.85 33.83 -37.90
C ASP C 74 -0.09 33.27 -36.70
N TYR C 75 -0.62 32.19 -36.13
CA TYR C 75 -0.05 31.48 -34.95
C TYR C 75 0.45 30.12 -35.41
N LEU C 76 1.28 29.48 -34.58
CA LEU C 76 1.70 28.07 -34.78
C LEU C 76 0.87 27.20 -33.84
N GLU C 77 0.67 25.95 -34.24
CA GLU C 77 -0.14 24.97 -33.47
C GLU C 77 0.59 23.64 -33.51
N TYR C 78 0.89 23.11 -32.32
CA TYR C 78 1.62 21.85 -32.08
C TYR C 78 1.49 21.53 -30.58
N ASP C 79 1.69 20.29 -30.19
CA ASP C 79 1.61 19.87 -28.75
C ASP C 79 0.24 20.23 -28.17
N SER C 80 -0.82 20.25 -29.00
CA SER C 80 -2.22 20.61 -28.62
C SER C 80 -2.29 22.04 -28.07
N LEU C 81 -1.24 22.84 -28.20
CA LEU C 81 -1.25 24.25 -27.72
C LEU C 81 -1.13 25.20 -28.92
N LEU C 82 -1.29 26.49 -28.66
CA LEU C 82 -1.02 27.56 -29.66
C LEU C 82 0.26 28.30 -29.26
N GLU C 83 1.07 28.64 -30.26
CA GLU C 83 2.20 29.58 -30.05
C GLU C 83 1.84 30.89 -30.73
N VAL C 84 1.77 31.96 -29.95
CA VAL C 84 1.64 33.36 -30.44
C VAL C 84 3.02 34.00 -30.31
N ASN C 85 3.61 34.44 -31.42
CA ASN C 85 4.98 35.01 -31.45
C ASN C 85 4.90 36.40 -32.09
N GLU C 86 6.07 37.02 -32.34
CA GLU C 86 6.19 38.38 -32.91
C GLU C 86 5.42 38.48 -34.23
N GLU C 87 5.38 37.40 -35.01
CA GLU C 87 4.78 37.39 -36.37
C GLU C 87 3.26 37.27 -36.30
N SER C 88 2.68 36.92 -35.13
CA SER C 88 1.22 36.72 -34.95
C SER C 88 0.48 38.05 -34.88
N THR C 89 -0.84 38.01 -35.10
CA THR C 89 -1.76 39.14 -34.88
C THR C 89 -2.76 38.76 -33.80
N VAL C 90 -2.95 39.68 -32.85
CA VAL C 90 -3.98 39.58 -31.78
C VAL C 90 -4.72 40.92 -31.74
N SER C 91 -6.03 40.89 -31.95
CA SER C 91 -6.93 42.07 -31.88
C SER C 91 -8.01 41.81 -30.83
N GLU C 92 -8.60 42.86 -30.29
CA GLU C 92 -9.80 42.76 -29.42
C GLU C 92 -11.02 42.55 -30.34
N ALA C 93 -11.87 41.57 -30.03
CA ALA C 93 -13.11 41.31 -30.81
C ALA C 93 -14.08 42.48 -30.59
N GLY C 94 -14.96 42.73 -31.56
CA GLY C 94 -16.03 43.74 -31.46
C GLY C 94 -17.09 43.33 -30.43
N PRO C 95 -17.89 44.29 -29.91
CA PRO C 95 -18.86 44.00 -28.84
C PRO C 95 -20.00 43.08 -29.29
N ASN C 96 -20.19 42.89 -30.59
CA ASN C 96 -21.21 41.98 -31.17
C ASN C 96 -20.62 40.58 -31.38
N GLN C 97 -19.34 40.36 -31.06
CA GLN C 97 -18.63 39.07 -31.28
C GLN C 97 -18.53 38.29 -29.97
N THR C 98 -19.10 38.83 -28.89
CA THR C 98 -19.08 38.20 -27.54
C THR C 98 -19.73 36.81 -27.57
N PHE C 99 -19.21 35.91 -26.74
CA PHE C 99 -19.83 34.61 -26.40
C PHE C 99 -19.51 34.29 -24.94
N GLU C 100 -20.25 33.35 -24.37
CA GLU C 100 -19.94 32.73 -23.05
C GLU C 100 -19.22 31.41 -23.29
N VAL C 101 -18.20 31.13 -22.48
CA VAL C 101 -17.59 29.78 -22.41
C VAL C 101 -18.51 28.94 -21.53
N PRO C 102 -19.10 27.85 -22.07
CA PRO C 102 -19.99 27.02 -21.28
C PRO C 102 -19.32 26.61 -19.96
N ASN C 103 -20.09 26.43 -18.89
CA ASN C 103 -19.52 26.08 -17.56
C ASN C 103 -18.74 24.76 -17.67
N LYS C 104 -19.17 23.84 -18.54
CA LYS C 104 -18.51 22.51 -18.70
C LYS C 104 -17.07 22.68 -19.21
N ILE C 105 -16.80 23.68 -20.06
CA ILE C 105 -15.45 23.95 -20.62
C ILE C 105 -14.58 24.63 -19.55
N ILE C 106 -15.15 25.58 -18.82
CA ILE C 106 -14.51 26.26 -17.65
C ILE C 106 -14.04 25.18 -16.66
N ASN C 107 -14.88 24.19 -16.37
CA ASN C 107 -14.57 23.15 -15.35
C ASN C 107 -13.51 22.22 -15.93
N ARG C 108 -13.62 21.86 -17.22
CA ARG C 108 -12.61 21.02 -17.91
C ARG C 108 -11.23 21.69 -17.88
N ALA C 109 -11.15 23.02 -17.99
CA ALA C 109 -9.88 23.76 -18.03
C ALA C 109 -9.09 23.51 -16.74
N LYS C 110 -9.75 23.25 -15.62
CA LYS C 110 -9.07 23.18 -14.30
C LYS C 110 -8.84 21.72 -13.90
N GLU C 111 -9.12 20.76 -14.78
CA GLU C 111 -8.85 19.31 -14.52
C GLU C 111 -7.34 19.06 -14.62
N THR C 112 -6.83 18.14 -13.81
CA THR C 112 -5.46 17.58 -13.88
C THR C 112 -5.58 16.05 -13.84
N LEU C 113 -4.72 15.34 -14.59
CA LEU C 113 -4.70 13.86 -14.56
C LEU C 113 -4.12 13.39 -13.23
N LYS C 114 -4.62 12.27 -12.72
CA LYS C 114 -4.00 11.53 -11.60
C LYS C 114 -2.70 10.93 -12.12
N ILE C 115 -1.74 10.73 -11.23
CA ILE C 115 -0.36 10.35 -11.61
C ILE C 115 -0.34 8.92 -12.15
N ASP C 116 -1.23 8.02 -11.69
CA ASP C 116 -1.29 6.63 -12.21
C ASP C 116 -1.68 6.68 -13.70
N ILE C 117 -2.56 7.62 -14.06
CA ILE C 117 -2.94 7.81 -15.48
C ILE C 117 -1.76 8.42 -16.26
N LEU C 118 -1.03 9.39 -15.70
CA LEU C 118 0.15 9.97 -16.39
C LEU C 118 1.19 8.89 -16.70
N HIS C 119 1.38 7.91 -15.80
CA HIS C 119 2.32 6.78 -16.00
C HIS C 119 1.91 5.92 -17.20
N LYS C 120 0.63 5.98 -17.62
CA LYS C 120 0.09 5.21 -18.78
C LYS C 120 0.15 6.03 -20.07
N GLN C 121 0.38 7.33 -20.00
CA GLN C 121 0.16 8.20 -21.18
C GLN C 121 1.36 8.10 -22.12
N ALA C 122 1.16 8.43 -23.40
CA ALA C 122 2.19 8.25 -24.45
C ALA C 122 3.39 9.14 -24.15
N SER C 123 4.60 8.58 -24.22
CA SER C 123 5.86 9.36 -24.17
C SER C 123 5.82 10.41 -25.29
N GLY C 124 6.17 11.67 -24.97
CA GLY C 124 6.16 12.79 -25.93
C GLY C 124 5.00 13.73 -25.71
N ASN C 125 4.01 13.35 -24.89
CA ASN C 125 2.84 14.22 -24.66
C ASN C 125 3.28 15.45 -23.86
N ILE C 126 2.65 16.58 -24.11
CA ILE C 126 2.83 17.79 -23.27
C ILE C 126 1.81 17.74 -22.13
N VAL C 127 2.25 18.14 -20.95
CA VAL C 127 1.43 18.04 -19.71
C VAL C 127 1.38 19.41 -19.06
N TYR C 128 0.15 19.83 -18.76
CA TYR C 128 -0.17 20.93 -17.82
C TYR C 128 -0.96 20.31 -16.68
N GLY C 129 -0.72 20.77 -15.46
CA GLY C 129 -1.47 20.25 -14.30
C GLY C 129 -1.00 20.84 -13.00
N VAL C 130 -1.77 20.56 -11.95
CA VAL C 130 -1.47 20.92 -10.54
C VAL C 130 -1.25 19.63 -9.75
N PHE C 131 -0.09 19.51 -9.10
CA PHE C 131 0.40 18.29 -8.42
C PHE C 131 1.01 18.66 -7.08
N MET C 132 0.73 17.86 -6.05
CA MET C 132 1.28 18.11 -4.71
C MET C 132 2.74 17.65 -4.65
N LEU C 133 3.58 18.45 -4.02
CA LEU C 133 5.02 18.14 -3.85
C LEU C 133 5.20 17.18 -2.68
N HIS C 134 5.94 16.10 -2.91
CA HIS C 134 6.37 15.19 -1.81
C HIS C 134 7.72 15.69 -1.32
N LYS C 135 8.69 15.82 -2.23
CA LYS C 135 10.05 16.25 -1.87
C LYS C 135 10.77 16.83 -3.10
N LYS C 136 11.85 17.56 -2.84
CA LYS C 136 12.68 18.30 -3.82
C LYS C 136 14.14 17.87 -3.63
N THR C 137 14.85 17.63 -4.72
CA THR C 137 16.32 17.41 -4.73
C THR C 137 16.92 18.45 -5.67
N VAL C 138 17.70 19.40 -5.12
CA VAL C 138 18.31 20.50 -5.91
C VAL C 138 19.78 20.14 -6.15
N ASN C 139 20.13 19.91 -7.43
CA ASN C 139 21.53 19.68 -7.92
C ASN C 139 22.10 21.02 -8.39
N GLN C 140 23.23 21.00 -9.10
CA GLN C 140 23.91 22.24 -9.58
C GLN C 140 23.04 22.93 -10.63
N LYS C 141 22.54 22.18 -11.62
CA LYS C 141 21.81 22.77 -12.78
C LYS C 141 20.40 22.18 -12.94
N THR C 142 20.08 21.10 -12.23
CA THR C 142 18.75 20.42 -12.33
C THR C 142 18.14 20.27 -10.94
N THR C 143 16.81 20.32 -10.87
CA THR C 143 16.02 20.04 -9.66
C THR C 143 15.08 18.89 -9.97
N ILE C 144 15.00 17.91 -9.08
CA ILE C 144 14.04 16.78 -9.18
C ILE C 144 12.95 17.02 -8.15
N TYR C 145 11.77 17.41 -8.62
CA TYR C 145 10.56 17.59 -7.79
C TYR C 145 9.80 16.28 -7.83
N GLU C 146 9.69 15.60 -6.69
CA GLU C 146 8.85 14.38 -6.63
C GLU C 146 7.43 14.81 -6.27
N ILE C 147 6.48 14.51 -7.16
CA ILE C 147 5.04 14.80 -6.94
C ILE C 147 4.31 13.51 -6.53
N GLN C 148 3.22 13.60 -5.77
CA GLN C 148 2.51 12.41 -5.22
C GLN C 148 1.01 12.65 -5.23
N ASP C 149 0.27 11.56 -5.40
CA ASP C 149 -1.14 11.42 -4.99
C ASP C 149 -1.33 9.99 -4.44
N ASP C 150 -2.57 9.63 -4.07
CA ASP C 150 -2.89 8.32 -3.44
C ASP C 150 -2.64 7.17 -4.41
N ARG C 151 -2.50 7.45 -5.72
CA ARG C 151 -2.45 6.44 -6.81
C ARG C 151 -1.03 6.32 -7.37
N GLY C 152 -0.15 7.28 -7.09
CA GLY C 152 1.26 7.12 -7.48
C GLY C 152 2.14 8.33 -7.23
N LYS C 153 3.40 8.22 -7.64
CA LYS C 153 4.40 9.30 -7.49
C LYS C 153 5.10 9.47 -8.83
N MET C 154 5.61 10.66 -9.12
CA MET C 154 6.37 10.90 -10.36
C MET C 154 7.46 11.95 -10.15
N ASP C 155 8.59 11.78 -10.85
CA ASP C 155 9.69 12.78 -10.85
C ASP C 155 9.43 13.85 -11.92
N VAL C 156 9.61 15.11 -11.53
CA VAL C 156 9.56 16.28 -12.45
C VAL C 156 10.99 16.85 -12.52
N VAL C 157 11.59 16.88 -13.70
CA VAL C 157 12.99 17.34 -13.89
C VAL C 157 12.97 18.78 -14.38
N GLY C 158 13.39 19.73 -13.54
CA GLY C 158 13.42 21.16 -13.87
C GLY C 158 14.82 21.64 -14.19
N THR C 159 15.00 22.29 -15.34
CA THR C 159 16.25 22.99 -15.76
C THR C 159 15.91 24.45 -16.09
N GLY C 160 16.92 25.32 -16.18
CA GLY C 160 16.73 26.73 -16.50
C GLY C 160 15.76 27.40 -15.55
N GLN C 161 14.72 28.05 -16.08
CA GLN C 161 13.70 28.75 -15.26
C GLN C 161 13.00 27.78 -14.29
N CYS C 162 12.99 26.47 -14.57
CA CYS C 162 12.27 25.46 -13.73
C CYS C 162 13.22 24.85 -12.69
N HIS C 163 14.46 25.33 -12.61
CA HIS C 163 15.48 24.84 -11.64
C HIS C 163 15.40 25.69 -10.38
N ASN C 164 15.39 25.03 -9.22
CA ASN C 164 15.58 25.65 -7.89
C ASN C 164 14.49 26.71 -7.65
N ILE C 165 13.25 26.34 -7.94
CA ILE C 165 12.05 27.10 -7.48
C ILE C 165 11.88 26.77 -6.00
N PRO C 166 11.94 27.75 -5.07
CA PRO C 166 11.67 27.47 -3.67
C PRO C 166 10.26 26.89 -3.53
N CYS C 167 10.15 25.79 -2.79
CA CYS C 167 8.86 25.14 -2.44
C CYS C 167 9.13 24.08 -1.37
N GLU C 168 8.08 23.66 -0.68
CA GLU C 168 8.14 22.69 0.44
C GLU C 168 7.08 21.61 0.25
N GLU C 169 7.28 20.46 0.90
CA GLU C 169 6.30 19.34 0.95
C GLU C 169 4.91 19.92 1.25
N GLY C 170 3.91 19.52 0.48
CA GLY C 170 2.51 19.94 0.67
C GLY C 170 2.13 21.13 -0.19
N ASP C 171 3.11 21.93 -0.63
CA ASP C 171 2.92 22.95 -1.70
C ASP C 171 2.45 22.21 -2.95
N LYS C 172 1.67 22.87 -3.80
CA LYS C 172 1.25 22.30 -5.10
C LYS C 172 2.10 22.98 -6.18
N LEU C 173 2.58 22.19 -7.14
CA LEU C 173 3.28 22.70 -8.34
C LEU C 173 2.25 22.77 -9.45
N GLN C 174 2.03 23.96 -9.99
CA GLN C 174 1.29 24.11 -11.26
C GLN C 174 2.33 24.07 -12.37
N LEU C 175 2.30 23.01 -13.17
CA LEU C 175 3.24 22.81 -14.30
C LEU C 175 2.63 23.38 -15.56
N PHE C 176 3.44 24.12 -16.31
CA PHE C 176 3.10 24.62 -17.67
C PHE C 176 4.06 23.97 -18.65
N CYS C 177 3.53 23.20 -19.60
CA CYS C 177 4.24 22.86 -20.85
C CYS C 177 5.44 21.94 -20.55
N PHE C 178 5.25 20.93 -19.71
CA PHE C 178 6.25 19.87 -19.44
C PHE C 178 6.04 18.72 -20.43
N ARG C 179 7.13 17.99 -20.71
CA ARG C 179 7.15 16.85 -21.65
C ARG C 179 7.13 15.56 -20.84
N LEU C 180 6.15 14.69 -21.08
CA LEU C 180 6.16 13.31 -20.56
C LEU C 180 7.21 12.51 -21.33
N ARG C 181 8.17 11.90 -20.64
CA ARG C 181 9.24 11.07 -21.27
C ARG C 181 9.31 9.74 -20.53
N LYS C 182 9.19 8.64 -21.27
CA LYS C 182 9.39 7.28 -20.71
C LYS C 182 10.77 6.81 -21.13
N LYS C 183 11.57 6.43 -20.15
CA LYS C 183 12.95 5.92 -20.36
C LYS C 183 13.22 4.90 -19.25
N ASN C 184 13.84 3.77 -19.59
CA ASN C 184 14.11 2.66 -18.63
C ASN C 184 12.81 2.32 -17.87
N GLN C 185 11.71 2.23 -18.60
CA GLN C 185 10.40 1.70 -18.10
C GLN C 185 9.82 2.61 -17.01
N MET C 186 10.26 3.87 -16.98
CA MET C 186 9.76 4.87 -15.99
C MET C 186 9.41 6.16 -16.72
N SER C 187 8.24 6.72 -16.43
CA SER C 187 7.79 8.01 -16.96
C SER C 187 8.18 9.12 -15.98
N LYS C 188 8.68 10.23 -16.53
CA LYS C 188 8.98 11.47 -15.79
C LYS C 188 8.43 12.65 -16.56
N LEU C 189 8.29 13.79 -15.90
CA LEU C 189 7.95 15.06 -16.57
C LEU C 189 9.22 15.89 -16.69
N ILE C 190 9.54 16.33 -17.90
CA ILE C 190 10.83 17.01 -18.21
C ILE C 190 10.53 18.44 -18.63
N SER C 191 11.16 19.42 -17.99
CA SER C 191 11.00 20.84 -18.38
C SER C 191 11.71 21.05 -19.73
N GLU C 192 11.15 21.95 -20.54
CA GLU C 192 11.72 22.38 -21.82
C GLU C 192 11.77 23.91 -21.87
N MET C 193 12.25 24.43 -23.00
CA MET C 193 12.55 25.87 -23.23
C MET C 193 11.43 26.76 -22.70
N HIS C 194 10.16 26.42 -22.93
CA HIS C 194 9.00 27.30 -22.61
C HIS C 194 8.26 26.84 -21.34
N SER C 195 8.81 25.89 -20.59
CA SER C 195 8.14 25.33 -19.38
C SER C 195 8.15 26.38 -18.26
N PHE C 196 7.22 26.25 -17.31
CA PHE C 196 7.07 27.19 -16.19
C PHE C 196 6.48 26.44 -15.00
N ILE C 197 6.91 26.79 -13.78
CA ILE C 197 6.26 26.29 -12.54
C ILE C 197 5.69 27.49 -11.77
N GLN C 198 4.42 27.38 -11.36
CA GLN C 198 3.82 28.27 -10.33
C GLN C 198 3.66 27.45 -9.06
N ILE C 199 4.10 27.99 -7.92
CA ILE C 199 3.89 27.33 -6.60
C ILE C 199 2.58 27.87 -6.00
N LYS C 200 1.65 26.95 -5.71
CA LYS C 200 0.48 27.21 -4.83
C LYS C 200 0.83 26.69 -3.42
N LYS C 201 1.16 27.60 -2.50
CA LYS C 201 1.70 27.23 -1.16
C LYS C 201 0.62 26.48 -0.37
N LYS C 202 1.07 25.58 0.51
CA LYS C 202 0.23 24.88 1.51
C LYS C 202 -0.38 25.92 2.47
N THR C 203 -1.60 25.71 2.94
CA THR C 203 -2.21 26.42 4.10
C THR C 203 -1.72 25.76 5.39
N ASN D 9 26.83 -31.73 25.59
CA ASN D 9 26.84 -30.29 26.00
C ASN D 9 26.61 -30.20 27.52
N VAL D 10 26.58 -28.99 28.06
CA VAL D 10 26.55 -28.74 29.54
C VAL D 10 25.10 -28.69 30.01
N LEU D 11 24.78 -29.48 31.04
CA LEU D 11 23.45 -29.57 31.69
C LEU D 11 23.20 -28.31 32.53
N GLN D 12 21.96 -27.83 32.53
CA GLN D 12 21.49 -26.67 33.33
C GLN D 12 20.28 -27.11 34.16
N LYS D 13 20.39 -27.06 35.49
CA LYS D 13 19.34 -27.53 36.43
C LYS D 13 18.29 -26.43 36.66
N ARG D 14 18.65 -25.15 36.53
CA ARG D 14 17.77 -24.00 36.91
C ARG D 14 16.45 -24.07 36.13
N PRO D 15 15.30 -24.29 36.82
CA PRO D 15 14.02 -24.31 36.13
C PRO D 15 13.71 -22.93 35.56
N VAL D 16 13.27 -22.86 34.30
CA VAL D 16 12.84 -21.59 33.64
C VAL D 16 11.32 -21.66 33.40
N ILE D 17 10.62 -20.56 33.67
CA ILE D 17 9.14 -20.45 33.55
C ILE D 17 8.87 -19.76 32.22
N VAL D 18 8.30 -20.49 31.25
CA VAL D 18 8.22 -19.99 29.85
C VAL D 18 6.80 -20.18 29.31
N LYS D 19 6.45 -19.33 28.35
CA LYS D 19 5.26 -19.50 27.48
C LYS D 19 5.72 -20.18 26.20
N VAL D 20 5.04 -21.23 25.77
CA VAL D 20 5.30 -21.86 24.45
C VAL D 20 4.58 -21.02 23.39
N LEU D 21 5.35 -20.40 22.49
CA LEU D 21 4.82 -19.52 21.40
C LEU D 21 4.38 -20.39 20.23
N SER D 22 5.20 -21.37 19.82
CA SER D 22 4.92 -22.23 18.65
C SER D 22 5.62 -23.58 18.82
N THR D 23 5.09 -24.59 18.14
CA THR D 23 5.78 -25.89 17.93
C THR D 23 5.70 -26.22 16.45
N THR D 24 6.70 -26.94 15.95
CA THR D 24 6.73 -27.46 14.57
C THR D 24 6.01 -28.81 14.51
N LYS D 25 5.70 -29.20 13.29
CA LYS D 25 5.40 -30.61 12.97
C LYS D 25 6.56 -31.48 13.45
N PRO D 26 6.31 -32.78 13.68
CA PRO D 26 7.36 -33.69 14.11
C PRO D 26 8.17 -34.17 12.89
N PHE D 27 9.33 -34.74 13.16
CA PHE D 27 10.19 -35.28 12.10
C PHE D 27 11.11 -36.33 12.71
N GLU D 28 11.55 -37.22 11.83
CA GLU D 28 12.46 -38.34 12.11
C GLU D 28 13.88 -37.91 11.73
N TYR D 29 14.86 -38.16 12.60
CA TYR D 29 16.29 -37.90 12.31
C TYR D 29 17.10 -39.13 12.69
N GLU D 30 18.32 -39.18 12.17
CA GLU D 30 19.27 -40.31 12.31
C GLU D 30 20.33 -39.92 13.33
N THR D 31 20.51 -40.74 14.38
CA THR D 31 21.58 -40.55 15.40
C THR D 31 22.91 -40.92 14.77
N PRO D 32 24.06 -40.63 15.42
CA PRO D 32 25.36 -41.13 14.96
C PRO D 32 25.43 -42.67 14.94
N GLU D 33 24.62 -43.36 15.75
CA GLU D 33 24.56 -44.84 15.85
C GLU D 33 23.50 -45.40 14.89
N MET D 34 22.98 -44.56 13.99
CA MET D 34 22.05 -44.93 12.89
C MET D 34 20.69 -45.39 13.44
N GLU D 35 20.31 -44.90 14.63
CA GLU D 35 18.95 -45.08 15.20
C GLU D 35 18.05 -43.99 14.61
N LYS D 36 16.77 -44.33 14.39
CA LYS D 36 15.73 -43.39 13.90
C LYS D 36 14.92 -42.90 15.10
N LYS D 37 14.98 -41.59 15.38
CA LYS D 37 14.35 -40.95 16.56
C LYS D 37 13.44 -39.83 16.07
N ILE D 38 12.38 -39.51 16.83
CA ILE D 38 11.42 -38.45 16.42
C ILE D 38 11.59 -37.27 17.39
N MET D 39 11.48 -36.06 16.86
CA MET D 39 11.52 -34.84 17.70
C MET D 39 10.64 -33.77 17.07
N PHE D 40 10.51 -32.64 17.77
CA PHE D 40 9.89 -31.41 17.22
C PHE D 40 10.65 -30.23 17.81
N HIS D 41 10.49 -29.08 17.16
CA HIS D 41 11.04 -27.79 17.64
C HIS D 41 9.94 -27.02 18.36
N ALA D 42 10.33 -26.19 19.32
CA ALA D 42 9.42 -25.27 20.03
C ALA D 42 10.10 -23.91 20.12
N THR D 43 9.31 -22.85 20.16
CA THR D 43 9.79 -21.49 20.49
C THR D 43 9.09 -21.09 21.77
N VAL D 44 9.87 -20.63 22.75
CA VAL D 44 9.33 -20.31 24.09
C VAL D 44 9.81 -18.91 24.44
N ALA D 45 9.19 -18.28 25.44
CA ALA D 45 9.60 -16.92 25.87
C ALA D 45 9.35 -16.75 27.36
N THR D 46 10.18 -15.91 27.98
CA THR D 46 9.96 -15.31 29.31
C THR D 46 9.36 -13.92 29.07
N GLN D 47 9.23 -13.13 30.13
CA GLN D 47 8.74 -11.73 30.05
C GLN D 47 9.71 -10.89 29.22
N THR D 48 10.98 -11.29 29.05
CA THR D 48 12.02 -10.38 28.48
C THR D 48 12.87 -11.07 27.41
N GLN D 49 12.76 -12.39 27.20
CA GLN D 49 13.63 -13.12 26.24
C GLN D 49 12.82 -14.20 25.52
N PHE D 50 13.22 -14.54 24.30
CA PHE D 50 12.67 -15.71 23.57
C PHE D 50 13.85 -16.63 23.27
N PHE D 51 13.58 -17.93 23.17
CA PHE D 51 14.62 -18.88 22.72
C PHE D 51 13.95 -20.08 22.06
N HIS D 52 14.68 -20.68 21.13
CA HIS D 52 14.31 -21.95 20.47
C HIS D 52 14.64 -23.13 21.39
N VAL D 53 13.84 -24.19 21.30
CA VAL D 53 13.98 -25.40 22.15
C VAL D 53 13.90 -26.63 21.24
N LYS D 54 14.90 -27.49 21.30
CA LYS D 54 14.79 -28.83 20.67
C LYS D 54 14.03 -29.73 21.65
N VAL D 55 12.95 -30.38 21.21
CA VAL D 55 12.17 -31.27 22.11
C VAL D 55 12.37 -32.70 21.61
N LEU D 56 13.35 -33.39 22.20
CA LEU D 56 13.77 -34.73 21.74
C LEU D 56 12.89 -35.79 22.41
N ASN D 57 12.09 -35.41 23.41
CA ASN D 57 11.15 -36.31 24.11
C ASN D 57 9.72 -36.03 23.60
N THR D 58 9.22 -36.86 22.66
CA THR D 58 7.90 -36.66 22.00
C THR D 58 6.75 -36.80 23.01
N SER D 59 6.99 -37.50 24.12
CA SER D 59 6.00 -37.68 25.22
C SER D 59 5.68 -36.32 25.88
N LEU D 60 6.44 -35.26 25.56
CA LEU D 60 6.19 -33.89 26.10
C LEU D 60 5.36 -33.02 25.14
N LYS D 61 4.90 -33.54 23.99
CA LYS D 61 4.14 -32.74 22.97
C LYS D 61 3.03 -31.96 23.66
N GLU D 62 2.26 -32.64 24.51
CA GLU D 62 1.04 -32.12 25.17
C GLU D 62 1.43 -30.98 26.14
N LYS D 63 2.54 -31.12 26.87
CA LYS D 63 3.02 -30.04 27.78
C LYS D 63 3.45 -28.81 26.95
N PHE D 64 3.84 -28.99 25.69
CA PHE D 64 4.26 -27.91 24.77
C PHE D 64 3.08 -27.41 23.92
N ASN D 65 1.83 -27.70 24.33
CA ASN D 65 0.62 -27.30 23.55
C ASN D 65 0.34 -25.80 23.74
N GLY D 66 0.95 -25.15 24.73
CA GLY D 66 0.86 -23.69 24.92
C GLY D 66 -0.40 -23.25 25.65
N LYS D 67 -1.16 -24.22 26.17
CA LYS D 67 -2.37 -24.00 27.02
C LYS D 67 -1.97 -23.38 28.36
N LYS D 68 -0.90 -23.92 28.96
CA LYS D 68 -0.39 -23.50 30.28
C LYS D 68 1.04 -22.97 30.13
N ILE D 69 1.39 -22.00 30.97
CA ILE D 69 2.80 -21.63 31.24
C ILE D 69 3.49 -22.88 31.82
N ILE D 70 4.70 -23.20 31.35
CA ILE D 70 5.43 -24.42 31.77
C ILE D 70 6.74 -24.03 32.46
N ILE D 71 7.28 -24.97 33.24
CA ILE D 71 8.59 -24.85 33.91
C ILE D 71 9.46 -25.98 33.39
N ILE D 72 10.56 -25.62 32.75
CA ILE D 72 11.54 -26.54 32.11
C ILE D 72 12.79 -26.57 33.00
N SER D 73 13.22 -27.77 33.40
CA SER D 73 14.44 -27.96 34.21
C SER D 73 15.22 -29.13 33.63
N ASP D 74 16.53 -29.19 33.92
CA ASP D 74 17.43 -30.34 33.57
C ASP D 74 17.51 -30.47 32.05
N TYR D 75 17.76 -29.34 31.38
CA TYR D 75 17.88 -29.19 29.90
C TYR D 75 19.35 -28.88 29.60
N LEU D 76 19.78 -29.15 28.37
CA LEU D 76 21.11 -28.74 27.86
C LEU D 76 20.99 -27.35 27.22
N GLU D 77 22.03 -26.54 27.34
CA GLU D 77 22.06 -25.14 26.85
C GLU D 77 23.32 -24.97 26.00
N TYR D 78 23.13 -24.62 24.73
CA TYR D 78 24.19 -24.44 23.71
C TYR D 78 23.57 -23.79 22.47
N ASP D 79 24.38 -23.13 21.65
CA ASP D 79 23.96 -22.54 20.35
C ASP D 79 22.85 -21.51 20.56
N SER D 80 22.74 -20.94 21.76
CA SER D 80 21.71 -19.94 22.18
C SER D 80 20.31 -20.59 22.23
N LEU D 81 20.24 -21.92 22.30
CA LEU D 81 18.95 -22.66 22.38
C LEU D 81 18.97 -23.58 23.62
N LEU D 82 17.82 -24.19 23.93
CA LEU D 82 17.70 -25.22 24.99
C LEU D 82 17.44 -26.57 24.30
N GLU D 83 17.95 -27.65 24.87
CA GLU D 83 17.60 -29.01 24.43
C GLU D 83 16.84 -29.67 25.59
N VAL D 84 15.59 -30.04 25.34
CA VAL D 84 14.74 -30.79 26.29
C VAL D 84 14.76 -32.25 25.84
N ASN D 85 15.26 -33.14 26.70
CA ASN D 85 15.46 -34.56 26.33
C ASN D 85 14.88 -35.44 27.44
N GLU D 86 15.21 -36.74 27.40
CA GLU D 86 14.69 -37.78 28.33
C GLU D 86 14.96 -37.39 29.79
N GLU D 87 16.04 -36.65 30.06
CA GLU D 87 16.52 -36.33 31.43
C GLU D 87 15.75 -35.13 31.99
N SER D 88 15.09 -34.36 31.12
CA SER D 88 14.43 -33.07 31.43
C SER D 88 13.08 -33.28 32.14
N THR D 89 12.70 -32.30 32.92
CA THR D 89 11.39 -32.19 33.58
C THR D 89 10.67 -30.99 32.98
N VAL D 90 9.40 -31.16 32.64
CA VAL D 90 8.46 -30.05 32.28
C VAL D 90 7.22 -30.21 33.14
N SER D 91 6.84 -29.16 33.85
CA SER D 91 5.64 -29.10 34.72
C SER D 91 4.83 -27.85 34.41
N GLU D 92 3.56 -27.83 34.80
CA GLU D 92 2.69 -26.63 34.66
C GLU D 92 3.08 -25.64 35.76
N ALA D 93 3.16 -24.36 35.41
CA ALA D 93 3.30 -23.24 36.36
C ALA D 93 2.01 -23.14 37.19
N GLY D 94 2.13 -22.86 38.49
CA GLY D 94 0.96 -22.59 39.35
C GLY D 94 0.45 -21.15 39.16
N PRO D 95 -0.65 -20.76 39.85
CA PRO D 95 -1.33 -19.48 39.61
C PRO D 95 -0.52 -18.17 39.62
N ASN D 96 0.49 -18.05 40.49
CA ASN D 96 1.32 -16.81 40.67
C ASN D 96 2.55 -16.83 39.77
N GLN D 97 2.84 -17.97 39.14
CA GLN D 97 3.98 -18.15 38.19
C GLN D 97 3.53 -17.78 36.77
N THR D 98 2.24 -17.96 36.46
CA THR D 98 1.65 -17.71 35.12
C THR D 98 1.80 -16.22 34.77
N PHE D 99 2.28 -15.95 33.55
CA PHE D 99 2.40 -14.62 32.93
C PHE D 99 1.96 -14.74 31.46
N GLU D 100 1.88 -13.62 30.75
CA GLU D 100 1.78 -13.58 29.27
C GLU D 100 3.03 -12.88 28.74
N VAL D 101 3.61 -13.40 27.65
CA VAL D 101 4.80 -12.80 27.01
C VAL D 101 4.33 -11.50 26.36
N PRO D 102 5.05 -10.37 26.59
CA PRO D 102 4.71 -9.11 25.92
C PRO D 102 4.62 -9.29 24.40
N ASN D 103 3.64 -8.63 23.77
CA ASN D 103 3.51 -8.55 22.30
C ASN D 103 4.87 -8.17 21.69
N LYS D 104 5.69 -7.40 22.41
CA LYS D 104 7.04 -6.96 21.95
C LYS D 104 7.92 -8.20 21.67
N ILE D 105 8.04 -9.09 22.65
CA ILE D 105 8.99 -10.24 22.59
C ILE D 105 8.40 -11.28 21.61
N ILE D 106 7.08 -11.43 21.57
CA ILE D 106 6.37 -12.32 20.61
C ILE D 106 6.81 -11.95 19.18
N ASN D 107 6.83 -10.64 18.86
CA ASN D 107 7.18 -10.13 17.50
C ASN D 107 8.70 -10.25 17.28
N ARG D 108 9.50 -10.12 18.34
CA ARG D 108 10.98 -10.33 18.29
C ARG D 108 11.30 -11.79 17.92
N ALA D 109 10.54 -12.74 18.45
CA ALA D 109 10.76 -14.20 18.25
C ALA D 109 10.47 -14.59 16.78
N LYS D 110 9.70 -13.77 16.06
CA LYS D 110 9.26 -14.03 14.66
C LYS D 110 10.15 -13.27 13.67
N GLU D 111 11.14 -12.50 14.12
CA GLU D 111 12.01 -11.72 13.19
C GLU D 111 12.94 -12.68 12.47
N THR D 112 13.05 -12.52 11.14
CA THR D 112 14.01 -13.23 10.25
C THR D 112 15.03 -12.19 9.76
N LEU D 113 16.32 -12.54 9.71
CA LEU D 113 17.35 -11.54 9.33
C LEU D 113 17.29 -11.34 7.81
N LYS D 114 17.61 -10.12 7.36
CA LYS D 114 17.86 -9.82 5.94
C LYS D 114 19.02 -10.71 5.50
N ILE D 115 18.97 -11.24 4.27
CA ILE D 115 19.95 -12.25 3.79
C ILE D 115 21.34 -11.62 3.60
N ASP D 116 21.44 -10.34 3.24
CA ASP D 116 22.78 -9.67 3.12
C ASP D 116 23.42 -9.62 4.52
N ILE D 117 22.63 -9.43 5.57
CA ILE D 117 23.10 -9.41 6.98
C ILE D 117 23.42 -10.85 7.42
N LEU D 118 22.60 -11.82 7.02
CA LEU D 118 22.86 -13.25 7.29
C LEU D 118 24.25 -13.64 6.75
N HIS D 119 24.62 -13.19 5.55
CA HIS D 119 25.95 -13.48 4.94
C HIS D 119 27.11 -13.01 5.84
N LYS D 120 26.87 -12.00 6.69
CA LYS D 120 27.93 -11.40 7.55
C LYS D 120 27.85 -11.95 8.98
N GLN D 121 26.94 -12.89 9.26
CA GLN D 121 26.79 -13.55 10.58
C GLN D 121 28.05 -14.38 10.90
N ALA D 122 28.32 -14.63 12.19
CA ALA D 122 29.46 -15.47 12.64
C ALA D 122 29.27 -16.90 12.11
N SER D 123 30.30 -17.45 11.45
CA SER D 123 30.42 -18.89 11.10
C SER D 123 30.06 -19.75 12.31
N GLY D 124 29.22 -20.78 12.14
CA GLY D 124 28.81 -21.67 13.23
C GLY D 124 27.58 -21.16 13.98
N ASN D 125 27.08 -19.96 13.67
CA ASN D 125 25.81 -19.48 14.24
C ASN D 125 24.69 -20.45 13.83
N ILE D 126 23.74 -20.69 14.74
CA ILE D 126 22.52 -21.47 14.42
C ILE D 126 21.50 -20.46 13.89
N VAL D 127 20.79 -20.82 12.84
CA VAL D 127 19.88 -19.89 12.13
C VAL D 127 18.48 -20.50 12.09
N TYR D 128 17.52 -19.72 12.57
CA TYR D 128 16.07 -19.96 12.38
C TYR D 128 15.49 -18.77 11.62
N GLY D 129 14.55 -19.02 10.70
CA GLY D 129 13.91 -17.90 9.99
C GLY D 129 12.99 -18.35 8.90
N VAL D 130 12.19 -17.42 8.39
CA VAL D 130 11.25 -17.67 7.26
C VAL D 130 11.78 -16.95 6.03
N PHE D 131 12.05 -17.70 4.96
CA PHE D 131 12.68 -17.18 3.72
C PHE D 131 11.90 -17.65 2.51
N MET D 132 11.77 -16.77 1.53
CA MET D 132 11.07 -17.06 0.25
C MET D 132 11.97 -17.95 -0.61
N LEU D 133 11.40 -18.99 -1.23
CA LEU D 133 12.15 -19.86 -2.18
C LEU D 133 12.27 -19.17 -3.55
N HIS D 134 13.48 -19.10 -4.11
CA HIS D 134 13.72 -18.67 -5.51
C HIS D 134 13.73 -19.89 -6.42
N LYS D 135 14.47 -20.92 -6.03
CA LYS D 135 14.78 -22.10 -6.88
C LYS D 135 15.16 -23.28 -5.97
N LYS D 136 14.83 -24.50 -6.40
CA LYS D 136 15.00 -25.76 -5.63
C LYS D 136 15.63 -26.80 -6.58
N THR D 137 16.85 -27.27 -6.26
CA THR D 137 17.58 -28.33 -7.00
C THR D 137 17.68 -29.59 -6.14
N VAL D 138 17.02 -30.69 -6.54
CA VAL D 138 16.96 -31.99 -5.81
C VAL D 138 17.98 -32.95 -6.43
N ASN D 139 19.03 -33.31 -5.69
CA ASN D 139 20.05 -34.34 -6.09
C ASN D 139 19.71 -35.64 -5.35
N GLN D 140 20.67 -36.55 -5.19
CA GLN D 140 20.39 -37.93 -4.73
C GLN D 140 20.06 -37.95 -3.23
N LYS D 141 20.83 -37.26 -2.40
CA LYS D 141 20.61 -37.19 -0.92
C LYS D 141 20.59 -35.75 -0.42
N THR D 142 20.67 -34.76 -1.31
CA THR D 142 20.78 -33.33 -0.97
C THR D 142 19.80 -32.51 -1.83
N THR D 143 19.17 -31.51 -1.23
CA THR D 143 18.38 -30.49 -1.96
C THR D 143 19.01 -29.13 -1.65
N ILE D 144 19.28 -28.34 -2.69
CA ILE D 144 19.73 -26.93 -2.54
C ILE D 144 18.49 -26.04 -2.71
N TYR D 145 18.03 -25.43 -1.63
CA TYR D 145 16.94 -24.43 -1.66
C TYR D 145 17.63 -23.07 -1.74
N GLU D 146 17.54 -22.41 -2.89
CA GLU D 146 18.05 -21.03 -3.06
C GLU D 146 16.98 -20.09 -2.54
N ILE D 147 17.27 -19.39 -1.45
CA ILE D 147 16.30 -18.47 -0.77
C ILE D 147 16.66 -17.04 -1.21
N GLN D 148 15.67 -16.15 -1.16
CA GLN D 148 15.76 -14.80 -1.74
C GLN D 148 14.97 -13.83 -0.87
N ASP D 149 15.50 -12.62 -0.68
CA ASP D 149 14.73 -11.44 -0.19
C ASP D 149 15.17 -10.24 -1.04
N ASP D 150 14.79 -9.02 -0.67
CA ASP D 150 15.00 -7.82 -1.50
C ASP D 150 16.48 -7.39 -1.49
N ARG D 151 17.33 -8.04 -0.68
CA ARG D 151 18.72 -7.59 -0.45
C ARG D 151 19.74 -8.69 -0.74
N GLY D 152 19.32 -9.93 -1.00
CA GLY D 152 20.30 -11.01 -1.23
C GLY D 152 19.68 -12.37 -1.48
N LYS D 153 20.54 -13.31 -1.88
CA LYS D 153 20.20 -14.72 -2.13
C LYS D 153 21.24 -15.60 -1.42
N MET D 154 20.85 -16.80 -1.02
CA MET D 154 21.72 -17.73 -0.27
C MET D 154 21.24 -19.16 -0.53
N ASP D 155 22.19 -20.10 -0.54
CA ASP D 155 21.93 -21.55 -0.62
C ASP D 155 21.59 -22.10 0.76
N VAL D 156 20.52 -22.89 0.81
CA VAL D 156 20.15 -23.72 1.98
C VAL D 156 20.36 -25.18 1.58
N VAL D 157 21.27 -25.87 2.28
CA VAL D 157 21.63 -27.27 1.93
C VAL D 157 20.83 -28.20 2.85
N GLY D 158 19.88 -28.93 2.29
CA GLY D 158 18.98 -29.81 3.05
C GLY D 158 19.33 -31.26 2.80
N THR D 159 19.66 -32.00 3.86
CA THR D 159 19.80 -33.48 3.84
C THR D 159 18.87 -34.13 4.87
N GLY D 160 18.76 -35.45 4.83
CA GLY D 160 17.91 -36.25 5.73
C GLY D 160 16.48 -35.76 5.68
N GLN D 161 15.93 -35.42 6.84
CA GLN D 161 14.54 -34.91 6.97
C GLN D 161 14.35 -33.61 6.17
N CYS D 162 15.43 -32.90 5.77
CA CYS D 162 15.35 -31.60 5.04
C CYS D 162 15.58 -31.79 3.54
N HIS D 163 15.82 -33.01 3.09
CA HIS D 163 15.94 -33.36 1.65
C HIS D 163 14.55 -33.50 1.02
N ASN D 164 14.37 -32.89 -0.17
CA ASN D 164 13.26 -33.13 -1.12
C ASN D 164 11.92 -32.79 -0.47
N ILE D 165 11.88 -31.70 0.31
CA ILE D 165 10.60 -31.15 0.85
C ILE D 165 9.87 -30.52 -0.32
N PRO D 166 8.59 -30.87 -0.57
CA PRO D 166 7.84 -30.29 -1.69
C PRO D 166 7.65 -28.78 -1.47
N CYS D 167 8.03 -27.98 -2.46
CA CYS D 167 7.85 -26.51 -2.49
C CYS D 167 8.19 -26.00 -3.90
N GLU D 168 7.82 -24.77 -4.20
CA GLU D 168 8.00 -24.14 -5.53
C GLU D 168 8.33 -22.66 -5.33
N GLU D 169 8.87 -22.02 -6.38
CA GLU D 169 9.25 -20.58 -6.38
C GLU D 169 8.15 -19.78 -5.66
N GLY D 170 8.55 -18.98 -4.67
CA GLY D 170 7.63 -18.09 -3.92
C GLY D 170 7.12 -18.70 -2.64
N ASP D 171 7.25 -20.01 -2.42
CA ASP D 171 6.90 -20.64 -1.13
C ASP D 171 7.79 -20.06 -0.03
N LYS D 172 7.24 -19.92 1.17
CA LYS D 172 7.97 -19.46 2.38
C LYS D 172 8.46 -20.69 3.14
N LEU D 173 9.79 -20.88 3.20
CA LEU D 173 10.41 -21.95 4.01
C LEU D 173 10.62 -21.46 5.45
N GLN D 174 10.00 -22.12 6.42
CA GLN D 174 10.30 -21.97 7.87
C GLN D 174 11.50 -22.87 8.17
N LEU D 175 12.66 -22.26 8.40
CA LEU D 175 13.93 -22.98 8.67
C LEU D 175 14.12 -23.08 10.18
N PHE D 176 14.43 -24.29 10.66
CA PHE D 176 14.70 -24.53 12.09
C PHE D 176 16.09 -25.13 12.22
N CYS D 177 16.95 -24.45 12.98
CA CYS D 177 18.17 -25.01 13.57
C CYS D 177 19.16 -25.38 12.45
N PHE D 178 19.33 -24.47 11.50
CA PHE D 178 20.36 -24.57 10.44
C PHE D 178 21.67 -23.97 10.96
N ARG D 179 22.79 -24.44 10.41
CA ARG D 179 24.15 -24.01 10.78
C ARG D 179 24.68 -23.11 9.65
N LEU D 180 25.15 -21.91 9.99
CA LEU D 180 25.81 -21.01 9.02
C LEU D 180 27.23 -21.53 8.79
N ARG D 181 27.53 -21.84 7.54
CA ARG D 181 28.85 -22.38 7.13
C ARG D 181 29.45 -21.38 6.13
N LYS D 182 30.70 -20.95 6.35
CA LYS D 182 31.43 -20.01 5.46
C LYS D 182 32.65 -20.73 4.88
N MET D 186 31.33 -17.03 0.47
CA MET D 186 30.63 -16.56 1.70
C MET D 186 29.80 -17.70 2.30
N SER D 187 28.58 -17.42 2.75
CA SER D 187 27.81 -18.23 3.71
C SER D 187 26.72 -19.05 3.00
N LYS D 188 26.44 -20.22 3.57
CA LYS D 188 25.29 -21.08 3.26
C LYS D 188 24.66 -21.52 4.58
N LEU D 189 23.39 -21.94 4.56
CA LEU D 189 22.76 -22.59 5.72
C LEU D 189 22.79 -24.11 5.48
N ILE D 190 23.32 -24.85 6.44
CA ILE D 190 23.52 -26.33 6.33
C ILE D 190 22.60 -27.04 7.32
N SER D 191 21.76 -27.96 6.83
CA SER D 191 20.91 -28.80 7.69
C SER D 191 21.80 -29.79 8.42
N GLU D 192 21.55 -29.97 9.72
CA GLU D 192 22.28 -30.91 10.60
C GLU D 192 21.26 -31.88 11.21
N MET D 193 21.70 -32.69 12.16
CA MET D 193 20.92 -33.80 12.73
C MET D 193 19.51 -33.35 13.11
N HIS D 194 19.36 -32.17 13.73
CA HIS D 194 18.08 -31.72 14.37
C HIS D 194 17.40 -30.59 13.56
N SER D 195 17.87 -30.32 12.35
CA SER D 195 17.34 -29.25 11.47
C SER D 195 15.99 -29.68 10.90
N PHE D 196 15.16 -28.71 10.54
CA PHE D 196 13.83 -28.96 9.94
C PHE D 196 13.43 -27.83 9.00
N ILE D 197 12.73 -28.19 7.93
CA ILE D 197 12.05 -27.24 7.00
C ILE D 197 10.55 -27.53 7.07
N GLN D 198 9.75 -26.51 7.37
CA GLN D 198 8.27 -26.55 7.32
C GLN D 198 7.84 -25.49 6.31
N ILE D 199 7.05 -25.85 5.30
CA ILE D 199 6.56 -24.88 4.28
C ILE D 199 5.36 -24.17 4.89
N LYS D 200 5.33 -22.83 4.79
CA LYS D 200 4.23 -21.98 5.27
C LYS D 200 2.97 -22.36 4.49
N LYS D 201 1.88 -22.62 5.22
CA LYS D 201 0.51 -22.83 4.67
C LYS D 201 -0.45 -21.87 5.37
N LYS D 202 -1.58 -21.52 4.74
CA LYS D 202 -2.66 -20.69 5.33
C LYS D 202 -3.30 -21.43 6.52
BR BR E . -14.01 -22.28 0.32
C1 EDO F . -20.45 11.39 -36.18
O1 EDO F . -19.13 10.94 -36.39
C2 EDO F . -20.82 11.57 -34.76
O2 EDO F . -19.88 11.06 -33.84
C1 EDO G . -6.91 2.03 -13.93
O1 EDO G . -7.36 2.06 -12.61
C2 EDO G . -7.95 2.34 -14.90
O2 EDO G . -7.73 3.55 -15.54
K K H . -25.59 -16.95 -18.62
K K I . -16.57 -7.72 -13.40
K K J . -21.08 -16.79 -24.36
K K K . -12.55 -3.06 8.22
K K L . -16.87 7.67 -1.14
K K M . -4.81 -12.54 -27.90
K K N . -6.00 11.15 20.82
K K O . -7.82 13.06 -5.25
K K P . -2.29 30.36 -17.67
C1 PGE Q . 3.97 5.45 -21.45
O1 PGE Q . 3.56 4.73 -20.32
C2 PGE Q . 4.68 4.60 -22.46
O2 PGE Q . 5.09 5.39 -23.58
C3 PGE Q . 6.17 4.81 -24.29
C4 PGE Q . 6.05 5.25 -25.68
O4 PGE Q . 2.07 4.75 -28.05
C6 PGE Q . 2.81 5.55 -27.23
C5 PGE Q . 3.95 4.82 -26.65
O3 PGE Q . 4.73 5.72 -25.87
C1 EDO R . 10.15 2.03 -21.38
O1 EDO R . 11.23 2.80 -21.78
C2 EDO R . 9.26 1.63 -22.47
O2 EDO R . 8.60 0.41 -22.16
C1 EDO S . 14.54 6.17 -13.66
O1 EDO S . 14.04 4.95 -13.16
C2 EDO S . 14.99 6.09 -15.06
O2 EDO S . 15.33 7.34 -15.63
K K T . -1.56 13.22 -21.28
K K U . 9.48 42.33 -21.41
K K V . 7.65 41.80 -19.57
C1 EDO W . -2.66 -7.37 21.95
O1 EDO W . -2.16 -8.33 22.86
C2 EDO W . -2.49 -5.98 22.42
O2 EDO W . -3.65 -5.19 22.33
K K X . 8.70 -23.54 16.68
K K Y . 2.17 -20.61 42.39
#